data_1WWG
#
_entry.id   1WWG
#
loop_
_entity.id
_entity.type
_entity.pdbx_description
1 polymer "5'-R(P*UP*AP*UP*CP*UP*G)-3'"
2 polymer 'Nucleoprotein p10'
3 non-polymer 'ZINC ION'
#
loop_
_entity_poly.entity_id
_entity_poly.type
_entity_poly.pdbx_seq_one_letter_code
_entity_poly.pdbx_strand_id
1 'polyribonucleotide' UAUCUG B
2 'polypeptide(L)' ATVVSGQKQDRQGGERRRSQLDRDQCAYCKEKGHWAKDCPKKPRGPRGPRPQTSLL A
#
# COMPACT_ATOMS: atom_id res chain seq x y z
N ALA B 1 -30.36 1.81 10.39
CA ALA B 1 -29.72 2.63 9.37
C ALA B 1 -28.23 2.32 9.34
N THR B 2 -27.55 2.90 8.36
CA THR B 2 -26.12 2.69 8.21
C THR B 2 -25.50 3.83 7.39
N VAL B 3 -24.71 4.64 8.08
CA VAL B 3 -24.06 5.77 7.43
C VAL B 3 -23.06 6.40 8.41
N VAL B 4 -22.04 7.03 7.84
CA VAL B 4 -21.03 7.68 8.64
C VAL B 4 -21.09 9.19 8.43
N SER B 5 -21.25 9.57 7.17
CA SER B 5 -21.34 10.97 6.81
C SER B 5 -21.46 11.12 5.30
N GLY B 6 -22.71 11.18 4.84
CA GLY B 6 -22.97 11.33 3.42
C GLY B 6 -21.99 10.50 2.59
N GLN B 7 -21.36 11.18 1.63
CA GLN B 7 -20.40 10.52 0.77
C GLN B 7 -21.08 9.47 -0.11
N LYS B 8 -20.71 9.46 -1.37
CA LYS B 8 -21.29 8.52 -2.32
C LYS B 8 -20.38 8.42 -3.55
N GLN B 9 -19.19 7.91 -3.32
CA GLN B 9 -18.21 7.75 -4.39
C GLN B 9 -17.55 6.38 -4.32
N ASP B 10 -16.99 5.96 -5.44
CA ASP B 10 -16.33 4.67 -5.52
C ASP B 10 -15.64 4.53 -6.88
N ARG B 11 -14.42 4.01 -6.83
CA ARG B 11 -13.65 3.82 -8.05
C ARG B 11 -12.44 2.93 -7.77
N GLN B 12 -12.10 2.12 -8.77
CA GLN B 12 -10.98 1.21 -8.65
C GLN B 12 -9.69 1.88 -9.17
N GLY B 13 -9.73 2.24 -10.44
CA GLY B 13 -8.59 2.88 -11.07
C GLY B 13 -7.89 1.93 -12.04
N GLY B 14 -7.30 2.52 -13.07
CA GLY B 14 -6.59 1.74 -14.07
C GLY B 14 -5.25 2.38 -14.42
N GLU B 15 -5.13 2.82 -15.66
CA GLU B 15 -3.91 3.45 -16.13
C GLU B 15 -3.32 4.35 -15.03
N ARG B 16 -2.06 4.09 -14.73
CA ARG B 16 -1.37 4.86 -13.70
C ARG B 16 0.08 4.38 -13.57
N ARG B 17 0.98 5.12 -14.20
CA ARG B 17 2.39 4.77 -14.16
C ARG B 17 2.89 4.73 -12.71
N ARG B 18 3.83 3.84 -12.46
CA ARG B 18 4.39 3.69 -11.13
C ARG B 18 5.61 4.60 -10.96
N SER B 19 5.52 5.78 -11.56
CA SER B 19 6.59 6.74 -11.49
C SER B 19 7.94 6.03 -11.56
N GLN B 20 8.92 6.61 -10.88
CA GLN B 20 10.26 6.04 -10.87
C GLN B 20 10.44 5.17 -9.62
N LEU B 21 9.40 4.42 -9.30
CA LEU B 21 9.43 3.54 -8.14
C LEU B 21 10.81 2.87 -8.06
N ASP B 22 11.62 3.39 -7.16
CA ASP B 22 12.97 2.86 -6.96
C ASP B 22 12.90 1.62 -6.07
N ARG B 23 13.86 0.73 -6.26
CA ARG B 23 13.91 -0.49 -5.47
C ARG B 23 14.19 -0.17 -4.00
N ASP B 24 14.48 1.10 -3.75
CA ASP B 24 14.76 1.55 -2.40
C ASP B 24 13.90 2.78 -2.08
N GLN B 25 12.75 2.83 -2.72
CA GLN B 25 11.83 3.94 -2.52
C GLN B 25 10.57 3.46 -1.80
N CYS B 26 9.63 4.37 -1.65
CA CYS B 26 8.37 4.05 -0.97
C CYS B 26 7.25 4.20 -1.99
N ALA B 27 6.40 3.17 -2.03
CA ALA B 27 5.27 3.17 -2.95
C ALA B 27 4.01 3.58 -2.20
N TYR B 28 4.19 4.46 -1.22
CA TYR B 28 3.08 4.95 -0.41
C TYR B 28 3.08 6.47 -0.36
N CYS B 29 4.14 7.01 0.23
CA CYS B 29 4.27 8.45 0.37
C CYS B 29 5.11 8.97 -0.81
N LYS B 30 5.88 8.07 -1.38
CA LYS B 30 6.72 8.42 -2.51
C LYS B 30 8.09 8.89 -2.01
N GLU B 31 8.42 8.43 -0.81
CA GLU B 31 9.69 8.79 -0.20
C GLU B 31 10.81 7.87 -0.70
N LYS B 32 12.04 8.28 -0.43
CA LYS B 32 13.20 7.49 -0.85
C LYS B 32 14.08 7.21 0.37
N GLY B 33 14.26 5.92 0.62
CA GLY B 33 15.08 5.50 1.75
C GLY B 33 14.39 4.38 2.54
N HIS B 34 13.08 4.50 2.65
CA HIS B 34 12.30 3.52 3.37
C HIS B 34 11.30 2.86 2.42
N TRP B 35 10.88 1.66 2.79
CA TRP B 35 9.94 0.91 1.99
C TRP B 35 8.52 1.22 2.50
N ALA B 36 7.55 0.98 1.64
CA ALA B 36 6.16 1.22 1.99
C ALA B 36 5.81 0.43 3.24
N LYS B 37 6.27 -0.81 3.27
CA LYS B 37 6.02 -1.68 4.40
C LYS B 37 6.69 -1.11 5.65
N ASP B 38 7.55 -0.12 5.42
CA ASP B 38 8.26 0.52 6.51
C ASP B 38 7.98 2.02 6.49
N CYS B 39 6.92 2.38 5.78
CA CYS B 39 6.53 3.78 5.67
C CYS B 39 6.15 4.29 7.06
N PRO B 40 6.75 5.44 7.44
CA PRO B 40 6.48 6.04 8.74
C PRO B 40 5.09 6.70 8.76
N LYS B 41 4.41 6.60 7.63
CA LYS B 41 3.09 7.18 7.50
C LYS B 41 2.03 6.11 7.78
N LYS B 42 2.45 4.87 7.65
CA LYS B 42 1.57 3.75 7.89
C LYS B 42 1.31 3.61 9.40
N PRO B 43 0.02 3.86 9.79
CA PRO B 43 -0.37 3.76 11.18
C PRO B 43 -0.48 2.30 11.62
N ARG B 44 -1.30 1.56 10.91
CA ARG B 44 -1.50 0.16 11.22
C ARG B 44 -2.21 -0.55 10.06
N GLY B 45 -1.82 -1.80 9.84
CA GLY B 45 -2.40 -2.59 8.77
C GLY B 45 -2.80 -3.98 9.28
N PRO B 46 -3.43 -4.76 8.36
CA PRO B 46 -3.69 -4.29 7.02
C PRO B 46 -4.85 -3.28 7.01
N ARG B 47 -4.92 -2.53 5.93
CA ARG B 47 -5.97 -1.52 5.78
C ARG B 47 -6.98 -1.97 4.71
N GLY B 48 -8.22 -1.51 4.89
CA GLY B 48 -9.28 -1.86 3.96
C GLY B 48 -9.90 -3.21 4.31
N PRO B 49 -10.83 -3.17 5.31
CA PRO B 49 -11.50 -4.39 5.75
C PRO B 49 -12.56 -4.81 4.73
N ARG B 50 -12.16 -5.70 3.84
CA ARG B 50 -13.06 -6.20 2.81
C ARG B 50 -13.08 -7.73 2.83
N PRO B 51 -14.10 -8.28 3.55
CA PRO B 51 -14.25 -9.71 3.65
C PRO B 51 -14.80 -10.31 2.36
N GLN B 52 -13.97 -10.28 1.32
CA GLN B 52 -14.36 -10.81 0.03
C GLN B 52 -13.35 -11.88 -0.44
N THR B 53 -13.61 -13.10 0.00
CA THR B 53 -12.74 -14.21 -0.36
C THR B 53 -13.21 -14.85 -1.67
N SER B 54 -13.06 -14.10 -2.74
CA SER B 54 -13.46 -14.57 -4.06
C SER B 54 -12.72 -13.79 -5.15
N LEU B 55 -11.57 -14.32 -5.52
CA LEU B 55 -10.76 -13.69 -6.55
C LEU B 55 -9.60 -14.62 -6.93
N LEU B 56 -8.74 -14.85 -5.95
CA LEU B 56 -7.59 -15.72 -6.17
C LEU B 56 -6.91 -15.34 -7.49
N ALA B 1 7.57 -15.71 -35.04
CA ALA B 1 7.60 -15.44 -33.61
C ALA B 1 6.96 -16.59 -32.85
N THR B 2 7.54 -16.91 -31.71
CA THR B 2 7.02 -17.99 -30.89
C THR B 2 6.47 -17.45 -29.58
N VAL B 3 5.14 -17.48 -29.48
CA VAL B 3 4.47 -17.00 -28.29
C VAL B 3 3.34 -17.97 -27.91
N VAL B 4 2.74 -17.70 -26.76
CA VAL B 4 1.65 -18.54 -26.27
C VAL B 4 0.33 -17.78 -26.43
N SER B 5 -0.73 -18.55 -26.63
CA SER B 5 -2.06 -17.97 -26.80
C SER B 5 -3.10 -18.89 -26.17
N GLY B 6 -4.32 -18.35 -26.05
CA GLY B 6 -5.42 -19.12 -25.48
C GLY B 6 -6.53 -18.19 -24.99
N GLN B 7 -7.75 -18.64 -25.19
CA GLN B 7 -8.91 -17.86 -24.78
C GLN B 7 -8.75 -17.38 -23.34
N LYS B 8 -8.57 -16.07 -23.20
CA LYS B 8 -8.39 -15.47 -21.89
C LYS B 8 -9.32 -14.27 -21.75
N GLN B 9 -10.62 -14.57 -21.71
CA GLN B 9 -11.61 -13.52 -21.58
C GLN B 9 -11.37 -12.70 -20.31
N ASP B 10 -10.72 -11.57 -20.48
CA ASP B 10 -10.41 -10.69 -19.37
C ASP B 10 -10.03 -9.31 -19.89
N ARG B 11 -10.02 -8.34 -18.99
CA ARG B 11 -9.67 -6.98 -19.34
C ARG B 11 -8.27 -6.64 -18.84
N GLN B 12 -7.37 -6.43 -19.78
CA GLN B 12 -6.00 -6.09 -19.43
C GLN B 12 -5.37 -5.25 -20.54
N GLY B 13 -4.61 -4.24 -20.12
CA GLY B 13 -3.94 -3.35 -21.07
C GLY B 13 -3.73 -1.97 -20.45
N GLY B 14 -2.64 -1.33 -20.86
CA GLY B 14 -2.31 -0.01 -20.36
C GLY B 14 -0.80 0.15 -20.20
N GLU B 15 -0.42 1.28 -19.63
CA GLU B 15 0.99 1.58 -19.41
C GLU B 15 1.52 0.75 -18.23
N ARG B 16 2.79 0.40 -18.32
CA ARG B 16 3.43 -0.38 -17.28
C ARG B 16 4.55 0.43 -16.62
N ARG B 17 4.28 0.86 -15.40
CA ARG B 17 5.26 1.65 -14.65
C ARG B 17 4.71 1.99 -13.27
N ARG B 18 5.63 2.23 -12.35
CA ARG B 18 5.26 2.56 -10.98
C ARG B 18 5.98 3.84 -10.53
N SER B 19 5.77 4.90 -11.29
CA SER B 19 6.39 6.17 -10.97
C SER B 19 7.88 5.97 -10.67
N GLN B 20 8.56 5.33 -11.60
CA GLN B 20 9.98 5.07 -11.44
C GLN B 20 10.27 4.55 -10.03
N LEU B 21 9.39 3.68 -9.57
CA LEU B 21 9.53 3.10 -8.24
C LEU B 21 10.97 2.61 -8.06
N ASP B 22 11.69 3.33 -7.21
CA ASP B 22 13.08 2.98 -6.95
C ASP B 22 13.13 1.78 -6.00
N ARG B 23 14.17 0.97 -6.16
CA ARG B 23 14.34 -0.21 -5.33
C ARG B 23 14.62 0.19 -3.89
N ASP B 24 14.76 1.50 -3.68
CA ASP B 24 15.02 2.02 -2.36
C ASP B 24 14.05 3.17 -2.07
N GLN B 25 12.89 3.09 -2.70
CA GLN B 25 11.88 4.12 -2.52
C GLN B 25 10.68 3.56 -1.75
N CYS B 26 9.71 4.43 -1.51
CA CYS B 26 8.51 4.03 -0.79
C CYS B 26 7.34 4.07 -1.77
N ALA B 27 6.53 3.02 -1.70
CA ALA B 27 5.36 2.92 -2.57
C ALA B 27 4.12 3.37 -1.80
N TYR B 28 4.32 4.34 -0.92
CA TYR B 28 3.23 4.87 -0.12
C TYR B 28 3.23 6.40 -0.14
N CYS B 29 4.30 6.96 0.41
CA CYS B 29 4.43 8.41 0.47
C CYS B 29 5.22 8.87 -0.76
N LYS B 30 5.99 7.95 -1.30
CA LYS B 30 6.79 8.24 -2.48
C LYS B 30 8.16 8.77 -2.04
N GLU B 31 8.54 8.40 -0.83
CA GLU B 31 9.81 8.84 -0.28
C GLU B 31 10.94 7.94 -0.80
N LYS B 32 12.17 8.40 -0.59
CA LYS B 32 13.34 7.67 -1.04
C LYS B 32 14.21 7.33 0.17
N GLY B 33 14.19 6.06 0.55
CA GLY B 33 14.98 5.60 1.68
C GLY B 33 14.33 4.37 2.33
N HIS B 34 13.05 4.50 2.61
CA HIS B 34 12.30 3.41 3.23
C HIS B 34 11.33 2.80 2.21
N TRP B 35 10.66 1.74 2.63
CA TRP B 35 9.71 1.07 1.77
C TRP B 35 8.31 1.29 2.35
N ALA B 36 7.31 1.01 1.53
CA ALA B 36 5.93 1.18 1.94
C ALA B 36 5.66 0.30 3.17
N LYS B 37 6.28 -0.87 3.17
CA LYS B 37 6.12 -1.79 4.28
C LYS B 37 6.71 -1.17 5.55
N ASP B 38 7.43 -0.08 5.35
CA ASP B 38 8.04 0.62 6.47
C ASP B 38 7.79 2.13 6.34
N CYS B 39 6.62 2.45 5.79
CA CYS B 39 6.25 3.83 5.59
C CYS B 39 5.86 4.42 6.95
N PRO B 40 6.47 5.59 7.28
CA PRO B 40 6.20 6.26 8.54
C PRO B 40 4.83 6.94 8.50
N LYS B 41 4.16 6.80 7.38
CA LYS B 41 2.84 7.40 7.20
C LYS B 41 1.77 6.36 7.53
N LYS B 42 2.20 5.11 7.60
CA LYS B 42 1.30 4.01 7.90
C LYS B 42 0.51 4.35 9.17
N PRO B 43 -0.73 3.79 9.23
CA PRO B 43 -1.59 4.02 10.38
C PRO B 43 -1.12 3.20 11.58
N ARG B 44 -1.87 3.31 12.67
CA ARG B 44 -1.54 2.60 13.89
C ARG B 44 -1.45 1.10 13.60
N GLY B 45 -0.25 0.57 13.81
CA GLY B 45 0.00 -0.85 13.57
C GLY B 45 1.12 -1.36 14.46
N PRO B 46 1.44 -2.67 14.30
CA PRO B 46 0.73 -3.50 13.34
C PRO B 46 -0.67 -3.86 13.84
N ARG B 47 -0.69 -4.44 15.03
CA ARG B 47 -1.95 -4.83 15.64
C ARG B 47 -1.75 -5.12 17.13
N GLY B 48 -2.87 -5.14 17.85
CA GLY B 48 -2.82 -5.41 19.27
C GLY B 48 -2.39 -6.85 19.56
N PRO B 49 -3.40 -7.73 19.81
CA PRO B 49 -3.13 -9.12 20.10
C PRO B 49 -2.76 -9.88 18.82
N ARG B 50 -1.69 -10.64 18.91
CA ARG B 50 -1.21 -11.42 17.77
C ARG B 50 -2.40 -11.98 16.99
N PRO B 51 -2.75 -11.29 15.89
CA PRO B 51 -3.85 -11.71 15.04
C PRO B 51 -3.47 -12.92 14.19
N GLN B 52 -3.35 -14.06 14.87
CA GLN B 52 -2.99 -15.29 14.19
C GLN B 52 -1.87 -15.03 13.17
N THR B 53 -0.66 -14.90 13.71
CA THR B 53 0.50 -14.66 12.86
C THR B 53 0.80 -15.88 12.01
N SER B 54 0.26 -17.01 12.43
CA SER B 54 0.47 -18.27 11.72
C SER B 54 -0.56 -18.41 10.60
N LEU B 55 -0.13 -18.05 9.39
CA LEU B 55 -1.01 -18.14 8.23
C LEU B 55 -0.18 -18.55 7.01
N LEU B 56 -0.65 -19.59 6.34
CA LEU B 56 0.03 -20.09 5.15
C LEU B 56 0.09 -18.98 4.11
N ALA B 1 -6.25 -33.32 -4.70
CA ALA B 1 -7.08 -32.54 -3.80
C ALA B 1 -6.36 -31.24 -3.43
N THR B 2 -6.92 -30.14 -3.90
CA THR B 2 -6.34 -28.84 -3.63
C THR B 2 -7.44 -27.82 -3.32
N VAL B 3 -7.20 -27.05 -2.26
CA VAL B 3 -8.17 -26.04 -1.85
C VAL B 3 -7.46 -25.00 -0.97
N VAL B 4 -6.69 -25.50 -0.02
CA VAL B 4 -5.95 -24.63 0.88
C VAL B 4 -4.74 -24.05 0.16
N SER B 5 -4.45 -22.79 0.47
CA SER B 5 -3.33 -22.10 -0.15
C SER B 5 -3.66 -21.76 -1.61
N GLY B 6 -3.92 -22.80 -2.38
CA GLY B 6 -4.25 -22.63 -3.78
C GLY B 6 -5.36 -21.60 -3.96
N GLN B 7 -4.95 -20.40 -4.38
CA GLN B 7 -5.91 -19.32 -4.59
C GLN B 7 -5.77 -18.76 -6.00
N LYS B 8 -6.88 -18.28 -6.52
CA LYS B 8 -6.90 -17.72 -7.86
C LYS B 8 -5.98 -16.49 -7.92
N GLN B 9 -4.78 -16.73 -8.43
CA GLN B 9 -3.80 -15.67 -8.55
C GLN B 9 -3.43 -15.43 -10.01
N ASP B 10 -4.06 -14.41 -10.59
CA ASP B 10 -3.81 -14.07 -11.98
C ASP B 10 -2.70 -13.01 -12.05
N ARG B 11 -1.71 -13.30 -12.87
CA ARG B 11 -0.58 -12.39 -13.05
C ARG B 11 -0.90 -11.36 -14.14
N GLN B 12 -0.57 -10.12 -13.86
CA GLN B 12 -0.81 -9.05 -14.80
C GLN B 12 0.28 -7.97 -14.67
N GLY B 13 1.26 -8.06 -15.55
CA GLY B 13 2.36 -7.10 -15.55
C GLY B 13 3.32 -7.35 -16.71
N GLY B 14 4.41 -6.60 -16.71
CA GLY B 14 5.41 -6.74 -17.76
C GLY B 14 6.30 -5.50 -17.82
N GLU B 15 5.84 -4.52 -18.57
CA GLU B 15 6.58 -3.27 -18.72
C GLU B 15 5.88 -2.14 -17.98
N ARG B 16 5.65 -2.37 -16.69
CA ARG B 16 4.99 -1.38 -15.86
C ARG B 16 5.98 -0.80 -14.85
N ARG B 17 5.91 0.52 -14.67
CA ARG B 17 6.79 1.21 -13.74
C ARG B 17 5.99 2.23 -12.94
N ARG B 18 5.93 1.99 -11.63
CA ARG B 18 5.22 2.89 -10.74
C ARG B 18 5.91 4.25 -10.69
N SER B 19 5.13 5.26 -10.33
CA SER B 19 5.65 6.62 -10.23
C SER B 19 7.05 6.59 -9.64
N GLN B 20 8.05 6.61 -10.51
CA GLN B 20 9.43 6.60 -10.08
C GLN B 20 9.58 5.77 -8.81
N LEU B 21 9.07 4.54 -8.88
CA LEU B 21 9.14 3.63 -7.75
C LEU B 21 10.49 2.91 -7.76
N ASP B 22 11.45 3.50 -7.07
CA ASP B 22 12.79 2.92 -6.99
C ASP B 22 12.74 1.67 -6.12
N ARG B 23 13.71 0.80 -6.35
CA ARG B 23 13.80 -0.44 -5.59
C ARG B 23 14.13 -0.15 -4.13
N ASP B 24 14.43 1.12 -3.87
CA ASP B 24 14.78 1.54 -2.52
C ASP B 24 13.93 2.76 -2.14
N GLN B 25 12.79 2.86 -2.79
CA GLN B 25 11.88 3.97 -2.53
C GLN B 25 10.62 3.47 -1.83
N CYS B 26 9.69 4.40 -1.62
CA CYS B 26 8.43 4.07 -0.97
C CYS B 26 7.30 4.19 -2.00
N ALA B 27 6.44 3.19 -2.00
CA ALA B 27 5.32 3.18 -2.92
C ALA B 27 4.05 3.60 -2.18
N TYR B 28 4.23 4.42 -1.17
CA TYR B 28 3.12 4.90 -0.38
C TYR B 28 3.10 6.43 -0.30
N CYS B 29 4.15 6.96 0.31
CA CYS B 29 4.27 8.41 0.45
C CYS B 29 5.00 8.95 -0.77
N LYS B 30 5.85 8.10 -1.34
CA LYS B 30 6.61 8.47 -2.51
C LYS B 30 7.99 8.99 -2.07
N GLU B 31 8.42 8.51 -0.93
CA GLU B 31 9.72 8.91 -0.38
C GLU B 31 10.81 7.94 -0.83
N LYS B 32 12.03 8.24 -0.42
CA LYS B 32 13.17 7.40 -0.77
C LYS B 32 14.02 7.16 0.48
N GLY B 33 14.35 5.89 0.69
CA GLY B 33 15.16 5.52 1.84
C GLY B 33 14.46 4.44 2.67
N HIS B 34 13.14 4.39 2.52
CA HIS B 34 12.34 3.42 3.25
C HIS B 34 11.33 2.77 2.30
N TRP B 35 10.84 1.61 2.70
CA TRP B 35 9.87 0.88 1.90
C TRP B 35 8.47 1.19 2.47
N ALA B 36 7.47 0.97 1.63
CA ALA B 36 6.10 1.22 2.02
C ALA B 36 5.76 0.36 3.25
N LYS B 37 6.34 -0.83 3.27
CA LYS B 37 6.12 -1.75 4.37
C LYS B 37 6.71 -1.17 5.65
N ASP B 38 7.48 -0.10 5.48
CA ASP B 38 8.12 0.56 6.61
C ASP B 38 7.90 2.07 6.49
N CYS B 39 6.82 2.44 5.83
CA CYS B 39 6.50 3.84 5.64
C CYS B 39 6.23 4.46 7.01
N PRO B 40 6.92 5.60 7.26
CA PRO B 40 6.77 6.31 8.53
C PRO B 40 5.43 7.05 8.60
N LYS B 41 4.66 6.91 7.53
CA LYS B 41 3.37 7.55 7.45
C LYS B 41 2.27 6.49 7.51
N LYS B 42 2.67 5.28 7.88
CA LYS B 42 1.74 4.18 7.97
C LYS B 42 1.22 4.09 9.42
N PRO B 43 -0.01 3.54 9.55
CA PRO B 43 -0.64 3.39 10.86
C PRO B 43 0.00 2.22 11.62
N ARG B 44 -0.61 1.91 12.76
CA ARG B 44 -0.13 0.82 13.59
C ARG B 44 -1.07 0.59 14.77
N GLY B 45 -2.33 0.34 14.44
CA GLY B 45 -3.35 0.09 15.45
C GLY B 45 -3.85 1.40 16.04
N PRO B 46 -4.82 1.27 16.99
CA PRO B 46 -5.32 -0.04 17.37
C PRO B 46 -6.24 -0.61 16.29
N ARG B 47 -6.79 -1.78 16.58
CA ARG B 47 -7.68 -2.44 15.64
C ARG B 47 -9.09 -2.53 16.24
N GLY B 48 -10.08 -2.44 15.35
CA GLY B 48 -11.46 -2.52 15.77
C GLY B 48 -12.38 -1.84 14.75
N PRO B 49 -13.72 -1.99 14.98
CA PRO B 49 -14.70 -1.40 14.09
C PRO B 49 -14.80 0.11 14.32
N ARG B 50 -15.06 0.82 13.23
CA ARG B 50 -15.18 2.26 13.29
C ARG B 50 -16.03 2.67 14.49
N PRO B 51 -15.33 3.15 15.56
CA PRO B 51 -16.02 3.58 16.76
C PRO B 51 -16.69 4.93 16.57
N GLN B 52 -17.32 5.41 17.64
CA GLN B 52 -18.01 6.69 17.58
C GLN B 52 -19.11 6.66 16.52
N THR B 53 -20.03 7.60 16.64
CA THR B 53 -21.13 7.69 15.69
C THR B 53 -21.87 6.35 15.61
N SER B 54 -23.06 6.41 15.01
CA SER B 54 -23.86 5.21 14.85
C SER B 54 -23.37 4.40 13.65
N LEU B 55 -23.76 3.13 13.64
CA LEU B 55 -23.36 2.24 12.56
C LEU B 55 -24.54 1.33 12.20
N LEU B 56 -24.51 0.85 10.97
CA LEU B 56 -25.57 -0.03 10.48
C LEU B 56 -24.99 -1.42 10.24
N ALA B 1 -44.14 -11.68 -16.31
CA ALA B 1 -42.76 -11.54 -16.75
C ALA B 1 -41.95 -10.83 -15.68
N THR B 2 -41.42 -11.62 -14.75
CA THR B 2 -40.63 -11.08 -13.66
C THR B 2 -39.16 -10.99 -14.08
N VAL B 3 -38.53 -9.90 -13.65
CA VAL B 3 -37.13 -9.69 -13.97
C VAL B 3 -36.27 -10.62 -13.12
N VAL B 4 -35.16 -11.05 -13.71
CA VAL B 4 -34.25 -11.96 -13.03
C VAL B 4 -32.89 -11.95 -13.74
N SER B 5 -32.28 -10.77 -13.76
CA SER B 5 -30.98 -10.62 -14.39
C SER B 5 -30.29 -9.35 -13.89
N GLY B 6 -29.02 -9.21 -14.25
CA GLY B 6 -28.24 -8.07 -13.84
C GLY B 6 -27.19 -7.71 -14.89
N GLN B 7 -26.41 -6.68 -14.58
CA GLN B 7 -25.36 -6.23 -15.47
C GLN B 7 -24.27 -5.51 -14.70
N LYS B 8 -23.05 -5.99 -14.86
CA LYS B 8 -21.91 -5.40 -14.18
C LYS B 8 -20.69 -5.44 -15.11
N GLN B 9 -20.19 -4.25 -15.42
CA GLN B 9 -19.04 -4.13 -16.28
C GLN B 9 -17.98 -3.23 -15.65
N ASP B 10 -16.75 -3.40 -16.10
CA ASP B 10 -15.65 -2.60 -15.59
C ASP B 10 -15.07 -1.75 -16.72
N ARG B 11 -14.28 -0.75 -16.33
CA ARG B 11 -13.66 0.13 -17.30
C ARG B 11 -12.16 0.24 -17.03
N GLN B 12 -11.42 0.49 -18.10
CA GLN B 12 -9.98 0.62 -18.00
C GLN B 12 -9.58 2.09 -17.82
N GLY B 13 -8.86 2.34 -16.75
CA GLY B 13 -8.42 3.70 -16.44
C GLY B 13 -7.10 4.01 -17.17
N GLY B 14 -5.99 3.77 -16.47
CA GLY B 14 -4.69 4.03 -17.04
C GLY B 14 -3.59 3.77 -16.01
N GLU B 15 -3.02 2.56 -16.08
CA GLU B 15 -1.96 2.18 -15.15
C GLU B 15 -0.85 1.45 -15.90
N ARG B 16 0.38 1.68 -15.45
CA ARG B 16 1.53 1.06 -16.08
C ARG B 16 2.81 1.50 -15.38
N ARG B 17 2.99 2.82 -15.32
CA ARG B 17 4.16 3.39 -14.69
C ARG B 17 3.94 3.52 -13.18
N ARG B 18 4.94 3.09 -12.43
CA ARG B 18 4.88 3.16 -10.97
C ARG B 18 5.77 4.28 -10.46
N SER B 19 5.63 5.45 -11.08
CA SER B 19 6.43 6.60 -10.69
C SER B 19 7.88 6.19 -10.47
N GLN B 20 8.42 5.49 -11.47
CA GLN B 20 9.80 5.04 -11.39
C GLN B 20 10.10 4.47 -10.00
N LEU B 21 9.19 3.64 -9.54
CA LEU B 21 9.34 3.02 -8.23
C LEU B 21 10.74 2.41 -8.12
N ASP B 22 11.60 3.10 -7.37
CA ASP B 22 12.96 2.64 -7.18
C ASP B 22 12.98 1.54 -6.11
N ARG B 23 14.07 0.79 -6.11
CA ARG B 23 14.22 -0.29 -5.14
C ARG B 23 14.35 0.28 -3.73
N ASP B 24 14.43 1.60 -3.66
CA ASP B 24 14.56 2.28 -2.38
C ASP B 24 13.58 3.46 -2.34
N GLN B 25 12.49 3.32 -3.08
CA GLN B 25 11.48 4.35 -3.12
C GLN B 25 10.16 3.84 -2.55
N CYS B 26 9.71 4.49 -1.50
CA CYS B 26 8.46 4.12 -0.86
C CYS B 26 7.37 4.07 -1.92
N ALA B 27 6.46 3.10 -1.74
CA ALA B 27 5.37 2.93 -2.69
C ALA B 27 4.08 3.46 -2.06
N TYR B 28 4.25 4.36 -1.10
CA TYR B 28 3.12 4.95 -0.40
C TYR B 28 3.20 6.48 -0.41
N CYS B 29 4.22 6.98 0.27
CA CYS B 29 4.43 8.42 0.35
C CYS B 29 5.30 8.85 -0.84
N LYS B 30 6.11 7.92 -1.31
CA LYS B 30 7.00 8.18 -2.43
C LYS B 30 8.31 8.76 -1.90
N GLU B 31 8.64 8.39 -0.67
CA GLU B 31 9.86 8.86 -0.05
C GLU B 31 10.97 7.82 -0.20
N LYS B 32 12.06 8.26 -0.81
CA LYS B 32 13.20 7.37 -1.01
C LYS B 32 13.98 7.24 0.29
N GLY B 33 14.21 6.00 0.69
CA GLY B 33 14.94 5.72 1.91
C GLY B 33 14.35 4.52 2.65
N HIS B 34 13.03 4.49 2.69
CA HIS B 34 12.33 3.40 3.36
C HIS B 34 11.40 2.69 2.36
N TRP B 35 10.77 1.63 2.84
CA TRP B 35 9.87 0.86 2.00
C TRP B 35 8.44 1.15 2.47
N ALA B 36 7.50 0.80 1.61
CA ALA B 36 6.09 1.01 1.92
C ALA B 36 5.74 0.27 3.21
N LYS B 37 6.29 -0.92 3.34
CA LYS B 37 6.04 -1.74 4.52
C LYS B 37 6.71 -1.08 5.73
N ASP B 38 7.48 -0.05 5.45
CA ASP B 38 8.17 0.67 6.51
C ASP B 38 7.87 2.17 6.40
N CYS B 39 6.75 2.47 5.75
CA CYS B 39 6.34 3.84 5.55
C CYS B 39 6.02 4.44 6.92
N PRO B 40 6.69 5.57 7.23
CA PRO B 40 6.49 6.25 8.51
C PRO B 40 5.17 7.02 8.50
N LYS B 41 4.47 6.93 7.38
CA LYS B 41 3.19 7.61 7.23
C LYS B 41 2.07 6.67 7.69
N LYS B 42 2.38 5.38 7.71
CA LYS B 42 1.41 4.39 8.12
C LYS B 42 0.86 4.76 9.50
N PRO B 43 -0.43 5.21 9.51
CA PRO B 43 -1.08 5.59 10.74
C PRO B 43 -1.46 4.37 11.58
N ARG B 44 -2.35 3.56 11.01
CA ARG B 44 -2.81 2.36 11.68
C ARG B 44 -3.83 1.62 10.81
N GLY B 45 -3.93 0.33 11.05
CA GLY B 45 -4.87 -0.50 10.29
C GLY B 45 -4.47 -0.57 8.82
N PRO B 46 -5.31 -1.30 8.04
CA PRO B 46 -6.47 -1.96 8.59
C PRO B 46 -6.06 -3.21 9.39
N ARG B 47 -7.02 -3.72 10.15
CA ARG B 47 -6.78 -4.90 10.96
C ARG B 47 -6.78 -6.16 10.08
N GLY B 48 -5.73 -6.95 10.25
CA GLY B 48 -5.59 -8.18 9.48
C GLY B 48 -6.08 -9.39 10.28
N PRO B 49 -6.46 -10.46 9.53
CA PRO B 49 -6.94 -11.67 10.17
C PRO B 49 -5.79 -12.47 10.79
N ARG B 50 -6.17 -13.44 11.61
CA ARG B 50 -5.19 -14.27 12.28
C ARG B 50 -5.65 -15.73 12.30
N PRO B 51 -4.66 -16.65 12.09
CA PRO B 51 -4.96 -18.07 12.07
C PRO B 51 -5.20 -18.59 13.49
N GLN B 52 -6.16 -17.97 14.16
CA GLN B 52 -6.50 -18.36 15.52
C GLN B 52 -7.92 -17.92 15.86
N THR B 53 -8.85 -18.82 15.58
CA THR B 53 -10.26 -18.54 15.85
C THR B 53 -10.62 -18.93 17.28
N SER B 54 -10.38 -20.20 17.59
CA SER B 54 -10.67 -20.72 18.92
C SER B 54 -9.90 -22.01 19.15
N LEU B 55 -9.85 -22.41 20.42
CA LEU B 55 -9.16 -23.63 20.79
C LEU B 55 -10.07 -24.50 21.65
N LEU B 56 -10.59 -25.55 21.01
CA LEU B 56 -11.49 -26.46 21.70
C LEU B 56 -10.76 -27.78 21.96
N ALA B 1 -33.67 10.16 7.43
CA ALA B 1 -33.56 11.31 6.57
C ALA B 1 -32.09 11.76 6.50
N THR B 2 -31.29 10.95 5.84
CA THR B 2 -29.87 11.23 5.70
C THR B 2 -29.34 10.67 4.39
N VAL B 3 -28.93 11.58 3.50
CA VAL B 3 -28.40 11.18 2.21
C VAL B 3 -27.20 12.05 1.87
N VAL B 4 -26.03 11.44 1.93
CA VAL B 4 -24.79 12.15 1.63
C VAL B 4 -23.88 11.26 0.78
N SER B 5 -23.17 11.89 -0.13
CA SER B 5 -22.27 11.17 -1.02
C SER B 5 -21.49 10.13 -0.21
N GLY B 6 -21.49 8.91 -0.74
CA GLY B 6 -20.78 7.82 -0.09
C GLY B 6 -21.26 6.46 -0.62
N GLN B 7 -22.52 6.16 -0.37
CA GLN B 7 -23.10 4.91 -0.82
C GLN B 7 -22.51 3.73 -0.04
N LYS B 8 -21.19 3.59 -0.16
CA LYS B 8 -20.50 2.51 0.53
C LYS B 8 -19.02 2.85 0.62
N GLN B 9 -18.37 2.84 -0.54
CA GLN B 9 -16.95 3.13 -0.61
C GLN B 9 -16.50 3.21 -2.07
N ASP B 10 -16.92 2.21 -2.84
CA ASP B 10 -16.57 2.15 -4.24
C ASP B 10 -15.04 2.01 -4.38
N ARG B 11 -14.36 3.14 -4.25
CA ARG B 11 -12.91 3.15 -4.35
C ARG B 11 -12.48 3.14 -5.82
N GLN B 12 -11.83 4.22 -6.22
CA GLN B 12 -11.36 4.35 -7.59
C GLN B 12 -10.49 5.60 -7.74
N GLY B 13 -9.19 5.39 -7.66
CA GLY B 13 -8.24 6.48 -7.79
C GLY B 13 -6.91 5.99 -8.39
N GLY B 14 -5.90 6.83 -8.26
CA GLY B 14 -4.59 6.50 -8.78
C GLY B 14 -4.19 5.07 -8.41
N GLU B 15 -4.07 4.24 -9.43
CA GLU B 15 -3.71 2.85 -9.23
C GLU B 15 -2.83 2.37 -10.39
N ARG B 16 -2.11 1.29 -10.13
CA ARG B 16 -1.24 0.71 -11.13
C ARG B 16 -0.21 1.74 -11.60
N ARG B 17 0.84 1.23 -12.24
CA ARG B 17 1.90 2.09 -12.74
C ARG B 17 2.90 2.40 -11.63
N ARG B 18 4.08 1.80 -11.75
CA ARG B 18 5.13 2.00 -10.77
C ARG B 18 5.78 3.37 -10.97
N SER B 19 4.95 4.41 -10.88
CA SER B 19 5.44 5.77 -11.04
C SER B 19 6.78 5.94 -10.30
N GLN B 20 7.84 5.95 -11.10
CA GLN B 20 9.17 6.11 -10.53
C GLN B 20 9.30 5.34 -9.22
N LEU B 21 8.99 4.05 -9.30
CA LEU B 21 9.06 3.19 -8.14
C LEU B 21 10.46 2.59 -8.03
N ASP B 22 11.33 3.32 -7.34
CA ASP B 22 12.71 2.88 -7.16
C ASP B 22 12.74 1.72 -6.16
N ARG B 23 13.66 0.80 -6.41
CA ARG B 23 13.80 -0.36 -5.54
C ARG B 23 14.20 0.08 -4.13
N ASP B 24 14.55 1.35 -4.02
CA ASP B 24 14.96 1.91 -2.73
C ASP B 24 14.07 3.10 -2.40
N GLN B 25 12.83 3.03 -2.85
CA GLN B 25 11.87 4.10 -2.61
C GLN B 25 10.64 3.56 -1.89
N CYS B 26 9.73 4.47 -1.57
CA CYS B 26 8.50 4.10 -0.90
C CYS B 26 7.35 4.22 -1.89
N ALA B 27 6.55 3.17 -1.96
CA ALA B 27 5.42 3.13 -2.87
C ALA B 27 4.15 3.48 -2.10
N TYR B 28 4.31 4.37 -1.12
CA TYR B 28 3.19 4.80 -0.30
C TYR B 28 3.11 6.33 -0.22
N CYS B 29 4.19 6.91 0.27
CA CYS B 29 4.27 8.36 0.40
C CYS B 29 5.07 8.91 -0.77
N LYS B 30 5.86 8.03 -1.39
CA LYS B 30 6.68 8.41 -2.52
C LYS B 30 8.03 8.90 -2.02
N GLU B 31 8.40 8.44 -0.83
CA GLU B 31 9.67 8.83 -0.23
C GLU B 31 10.81 8.01 -0.84
N LYS B 32 12.00 8.24 -0.31
CA LYS B 32 13.18 7.55 -0.80
C LYS B 32 14.06 7.16 0.39
N GLY B 33 14.27 5.85 0.53
CA GLY B 33 15.09 5.34 1.61
C GLY B 33 14.37 4.20 2.35
N HIS B 34 13.11 4.44 2.66
CA HIS B 34 12.31 3.45 3.35
C HIS B 34 11.31 2.82 2.39
N TRP B 35 10.81 1.66 2.77
CA TRP B 35 9.85 0.95 1.95
C TRP B 35 8.45 1.25 2.47
N ALA B 36 7.46 1.02 1.62
CA ALA B 36 6.08 1.27 1.99
C ALA B 36 5.72 0.42 3.22
N LYS B 37 6.28 -0.79 3.25
CA LYS B 37 6.04 -1.70 4.35
C LYS B 37 6.64 -1.13 5.62
N ASP B 38 7.44 -0.09 5.45
CA ASP B 38 8.08 0.56 6.57
C ASP B 38 7.89 2.07 6.47
N CYS B 39 6.80 2.46 5.81
CA CYS B 39 6.48 3.86 5.65
C CYS B 39 6.20 4.46 7.02
N PRO B 40 6.92 5.58 7.31
CA PRO B 40 6.76 6.26 8.59
C PRO B 40 5.45 7.05 8.63
N LYS B 41 4.72 6.97 7.53
CA LYS B 41 3.45 7.67 7.42
C LYS B 41 2.31 6.71 7.76
N LYS B 42 2.62 5.42 7.68
CA LYS B 42 1.63 4.39 7.98
C LYS B 42 1.08 4.62 9.39
N PRO B 43 -0.18 4.15 9.60
CA PRO B 43 -0.83 4.29 10.88
C PRO B 43 -0.26 3.29 11.90
N ARG B 44 0.31 3.85 12.96
CA ARG B 44 0.91 3.03 14.01
C ARG B 44 -0.15 2.67 15.06
N GLY B 45 -0.87 1.59 14.77
CA GLY B 45 -1.91 1.14 15.68
C GLY B 45 -3.05 2.16 15.77
N PRO B 46 -4.11 1.77 16.54
CA PRO B 46 -4.13 0.48 17.19
C PRO B 46 -4.39 -0.64 16.19
N ARG B 47 -3.92 -1.83 16.53
CA ARG B 47 -4.10 -2.99 15.68
C ARG B 47 -3.41 -2.77 14.34
N GLY B 48 -2.38 -3.57 14.10
CA GLY B 48 -1.62 -3.47 12.86
C GLY B 48 -2.33 -4.20 11.73
N PRO B 49 -1.52 -4.72 10.77
CA PRO B 49 -2.06 -5.43 9.63
C PRO B 49 -2.52 -6.83 10.03
N ARG B 50 -3.51 -7.33 9.30
CA ARG B 50 -4.06 -8.65 9.56
C ARG B 50 -3.80 -9.58 8.38
N PRO B 51 -3.53 -10.87 8.70
CA PRO B 51 -3.27 -11.87 7.67
C PRO B 51 -4.57 -12.28 6.98
N GLN B 52 -4.75 -11.74 5.78
CA GLN B 52 -5.94 -12.04 5.00
C GLN B 52 -6.29 -13.53 5.13
N THR B 53 -7.58 -13.79 5.30
CA THR B 53 -8.04 -15.17 5.43
C THR B 53 -8.18 -15.81 4.05
N SER B 54 -7.05 -15.91 3.37
CA SER B 54 -7.03 -16.51 2.04
C SER B 54 -5.63 -17.05 1.74
N LEU B 55 -5.60 -18.15 0.99
CA LEU B 55 -4.34 -18.77 0.61
C LEU B 55 -3.97 -18.34 -0.81
N LEU B 56 -2.88 -17.57 -0.89
CA LEU B 56 -2.40 -17.09 -2.18
C LEU B 56 -0.89 -16.90 -2.11
N ALA B 1 -19.37 2.27 29.79
CA ALA B 1 -20.08 1.41 28.85
C ALA B 1 -19.09 0.88 27.82
N THR B 2 -18.49 1.81 27.07
CA THR B 2 -17.52 1.45 26.05
C THR B 2 -18.20 0.60 24.96
N VAL B 3 -17.71 0.78 23.73
CA VAL B 3 -18.25 0.05 22.60
C VAL B 3 -17.14 -0.18 21.58
N VAL B 4 -17.30 -1.27 20.82
CA VAL B 4 -16.32 -1.61 19.81
C VAL B 4 -17.03 -1.79 18.46
N SER B 5 -16.78 -0.86 17.57
CA SER B 5 -17.39 -0.91 16.25
C SER B 5 -16.48 -1.67 15.29
N GLY B 6 -17.11 -2.30 14.30
CA GLY B 6 -16.38 -3.07 13.31
C GLY B 6 -15.65 -2.16 12.33
N GLN B 7 -15.72 -2.53 11.06
CA GLN B 7 -15.06 -1.75 10.02
C GLN B 7 -15.42 -2.31 8.64
N LYS B 8 -15.93 -1.43 7.79
CA LYS B 8 -16.30 -1.82 6.44
C LYS B 8 -15.51 -0.98 5.43
N GLN B 9 -14.66 -1.67 4.68
CA GLN B 9 -13.85 -1.00 3.68
C GLN B 9 -13.63 -1.92 2.47
N ASP B 10 -13.91 -1.37 1.30
CA ASP B 10 -13.75 -2.13 0.07
C ASP B 10 -13.35 -1.18 -1.06
N ARG B 11 -12.27 -1.55 -1.74
CA ARG B 11 -11.78 -0.74 -2.84
C ARG B 11 -10.63 -1.45 -3.55
N GLN B 12 -10.99 -2.27 -4.53
CA GLN B 12 -9.99 -3.03 -5.29
C GLN B 12 -10.11 -2.70 -6.77
N GLY B 13 -8.98 -2.29 -7.34
CA GLY B 13 -8.93 -1.94 -8.74
C GLY B 13 -7.92 -0.82 -9.00
N GLY B 14 -7.39 -0.81 -10.21
CA GLY B 14 -6.41 0.19 -10.60
C GLY B 14 -5.04 -0.44 -10.88
N GLU B 15 -4.83 -0.76 -12.15
CA GLU B 15 -3.58 -1.36 -12.57
C GLU B 15 -2.81 -0.42 -13.49
N ARG B 16 -2.18 0.56 -12.88
CA ARG B 16 -1.41 1.54 -13.64
C ARG B 16 0.07 1.49 -13.22
N ARG B 17 0.93 1.80 -14.18
CA ARG B 17 2.36 1.79 -13.93
C ARG B 17 2.66 2.47 -12.59
N ARG B 18 3.78 2.06 -12.00
CA ARG B 18 4.19 2.62 -10.73
C ARG B 18 5.36 3.59 -10.93
N SER B 19 5.15 4.56 -11.79
CA SER B 19 6.17 5.55 -12.08
C SER B 19 7.54 4.88 -12.10
N GLN B 20 8.54 5.65 -11.69
CA GLN B 20 9.91 5.15 -11.66
C GLN B 20 10.26 4.65 -10.25
N LEU B 21 9.30 3.96 -9.65
CA LEU B 21 9.48 3.43 -8.32
C LEU B 21 10.91 2.88 -8.19
N ASP B 22 11.61 3.39 -7.18
CA ASP B 22 12.98 2.97 -6.94
C ASP B 22 12.97 1.75 -6.01
N ARG B 23 13.99 0.91 -6.20
CA ARG B 23 14.11 -0.29 -5.38
C ARG B 23 14.41 0.07 -3.93
N ASP B 24 14.63 1.36 -3.71
CA ASP B 24 14.93 1.85 -2.37
C ASP B 24 14.01 3.03 -2.05
N GLN B 25 12.86 3.04 -2.72
CA GLN B 25 11.89 4.10 -2.50
C GLN B 25 10.67 3.57 -1.76
N CYS B 26 9.70 4.45 -1.56
CA CYS B 26 8.48 4.08 -0.87
C CYS B 26 7.33 4.13 -1.87
N ALA B 27 6.51 3.09 -1.84
CA ALA B 27 5.37 3.00 -2.73
C ALA B 27 4.11 3.45 -1.99
N TYR B 28 4.30 4.40 -1.09
CA TYR B 28 3.19 4.92 -0.31
C TYR B 28 3.21 6.45 -0.29
N CYS B 29 4.25 6.99 0.33
CA CYS B 29 4.40 8.43 0.43
C CYS B 29 5.24 8.91 -0.76
N LYS B 30 5.86 7.95 -1.43
CA LYS B 30 6.70 8.26 -2.58
C LYS B 30 8.04 8.79 -2.10
N GLU B 31 8.39 8.40 -0.87
CA GLU B 31 9.65 8.83 -0.28
C GLU B 31 10.82 8.03 -0.89
N LYS B 32 12.00 8.29 -0.36
CA LYS B 32 13.19 7.61 -0.83
C LYS B 32 14.10 7.28 0.36
N GLY B 33 14.23 5.99 0.63
CA GLY B 33 15.06 5.54 1.73
C GLY B 33 14.41 4.36 2.46
N HIS B 34 13.09 4.43 2.57
CA HIS B 34 12.34 3.39 3.24
C HIS B 34 11.35 2.75 2.25
N TRP B 35 10.72 1.69 2.70
CA TRP B 35 9.75 0.98 1.88
C TRP B 35 8.36 1.26 2.43
N ALA B 36 7.36 1.03 1.60
CA ALA B 36 5.98 1.24 2.00
C ALA B 36 5.67 0.40 3.23
N LYS B 37 6.19 -0.81 3.23
CA LYS B 37 5.97 -1.73 4.34
C LYS B 37 6.63 -1.15 5.60
N ASP B 38 7.45 -0.13 5.38
CA ASP B 38 8.15 0.51 6.48
C ASP B 38 7.96 2.03 6.38
N CYS B 39 6.83 2.42 5.83
CA CYS B 39 6.51 3.83 5.67
C CYS B 39 6.26 4.42 7.05
N PRO B 40 6.98 5.53 7.35
CA PRO B 40 6.84 6.20 8.63
C PRO B 40 5.54 7.00 8.69
N LYS B 41 4.79 6.92 7.61
CA LYS B 41 3.52 7.63 7.52
C LYS B 41 2.40 6.72 8.02
N LYS B 42 2.67 5.43 7.99
CA LYS B 42 1.70 4.44 8.45
C LYS B 42 1.08 4.92 9.76
N PRO B 43 -0.17 5.44 9.66
CA PRO B 43 -0.88 5.93 10.83
C PRO B 43 -1.40 4.76 11.68
N ARG B 44 -0.93 4.72 12.91
CA ARG B 44 -1.33 3.67 13.83
C ARG B 44 -2.69 4.00 14.45
N GLY B 45 -3.53 2.98 14.54
CA GLY B 45 -4.85 3.15 15.10
C GLY B 45 -5.93 2.74 14.11
N PRO B 46 -7.21 2.82 14.57
CA PRO B 46 -7.49 3.27 15.92
C PRO B 46 -7.15 2.18 16.94
N ARG B 47 -7.72 1.00 16.71
CA ARG B 47 -7.48 -0.12 17.60
C ARG B 47 -8.07 -1.40 17.00
N GLY B 48 -7.35 -2.50 17.22
CA GLY B 48 -7.79 -3.78 16.71
C GLY B 48 -6.86 -4.27 15.59
N PRO B 49 -7.06 -5.55 15.18
CA PRO B 49 -6.25 -6.14 14.13
C PRO B 49 -6.68 -5.62 12.75
N ARG B 50 -5.70 -5.48 11.87
CA ARG B 50 -5.95 -5.00 10.54
C ARG B 50 -6.12 -6.17 9.57
N PRO B 51 -7.10 -6.02 8.64
CA PRO B 51 -7.38 -7.05 7.66
C PRO B 51 -6.31 -7.06 6.57
N GLN B 52 -5.90 -8.26 6.19
CA GLN B 52 -4.89 -8.43 5.16
C GLN B 52 -5.55 -8.57 3.79
N THR B 53 -5.20 -7.65 2.89
CA THR B 53 -5.75 -7.67 1.54
C THR B 53 -4.69 -8.12 0.54
N SER B 54 -4.90 -9.30 -0.02
CA SER B 54 -3.97 -9.85 -0.99
C SER B 54 -4.48 -11.20 -1.48
N LEU B 55 -4.61 -12.13 -0.53
CA LEU B 55 -5.07 -13.47 -0.86
C LEU B 55 -4.06 -14.15 -1.79
N LEU B 56 -3.31 -15.07 -1.21
CA LEU B 56 -2.31 -15.80 -1.97
C LEU B 56 -2.11 -17.18 -1.35
N ALA B 1 -32.67 5.73 8.01
CA ALA B 1 -31.88 6.58 7.14
C ALA B 1 -31.60 7.91 7.84
N THR B 2 -30.38 8.39 7.66
CA THR B 2 -29.97 9.65 8.27
C THR B 2 -29.11 10.46 7.30
N VAL B 3 -29.61 11.64 6.95
CA VAL B 3 -28.90 12.52 6.04
C VAL B 3 -28.84 13.93 6.64
N VAL B 4 -27.80 14.65 6.24
CA VAL B 4 -27.62 16.01 6.72
C VAL B 4 -27.13 16.90 5.59
N SER B 5 -27.39 18.19 5.71
CA SER B 5 -26.98 19.14 4.70
C SER B 5 -25.80 19.98 5.22
N GLY B 6 -24.86 20.23 4.33
CA GLY B 6 -23.68 21.01 4.68
C GLY B 6 -23.53 22.22 3.76
N GLN B 7 -22.70 23.15 4.19
CA GLN B 7 -22.46 24.36 3.40
C GLN B 7 -20.96 24.56 3.19
N LYS B 8 -20.25 24.68 4.31
CA LYS B 8 -18.82 24.89 4.27
C LYS B 8 -18.51 26.21 3.57
N GLN B 9 -18.91 27.30 4.22
CA GLN B 9 -18.69 28.62 3.66
C GLN B 9 -19.09 29.70 4.68
N ASP B 10 -18.13 30.05 5.53
CA ASP B 10 -18.37 31.05 6.55
C ASP B 10 -17.04 31.42 7.22
N ARG B 11 -16.44 32.50 6.72
CA ARG B 11 -15.17 32.96 7.26
C ARG B 11 -10.96 8.05 -15.42
N GLN B 12 -10.30 6.90 -15.53
CA GLN B 12 -8.86 6.85 -15.38
C GLN B 12 -8.29 5.68 -16.18
N GLY B 13 -7.00 5.80 -16.51
CA GLY B 13 -6.33 4.77 -17.28
C GLY B 13 -5.12 4.23 -16.51
N GLY B 14 -3.96 4.33 -17.14
CA GLY B 14 -2.73 3.86 -16.54
C GLY B 14 -2.54 2.36 -16.80
N GLU B 15 -1.29 2.01 -17.09
CA GLU B 15 -0.96 0.62 -17.37
C GLU B 15 0.55 0.39 -17.19
N ARG B 16 0.88 -0.56 -16.34
CA ARG B 16 2.27 -0.89 -16.07
C ARG B 16 3.08 0.39 -15.88
N ARG B 17 2.94 0.98 -14.70
CA ARG B 17 3.65 2.20 -14.38
C ARG B 17 3.45 2.56 -12.91
N ARG B 18 4.54 2.53 -12.17
CA ARG B 18 4.49 2.86 -10.75
C ARG B 18 5.51 3.95 -10.42
N SER B 19 5.44 5.02 -11.20
CA SER B 19 6.35 6.14 -11.02
C SER B 19 7.77 5.63 -10.79
N GLN B 20 8.25 4.86 -11.75
CA GLN B 20 9.59 4.30 -11.66
C GLN B 20 9.87 3.79 -10.26
N LEU B 21 8.88 3.12 -9.70
CA LEU B 21 9.01 2.58 -8.35
C LEU B 21 10.41 2.01 -8.17
N ASP B 22 11.27 2.82 -7.54
CA ASP B 22 12.64 2.40 -7.30
C ASP B 22 12.67 1.37 -6.17
N ARG B 23 13.71 0.55 -6.19
CA ARG B 23 13.86 -0.48 -5.18
C ARG B 23 14.23 0.15 -3.84
N ASP B 24 14.28 1.48 -3.82
CA ASP B 24 14.62 2.21 -2.62
C ASP B 24 13.68 3.41 -2.48
N GLN B 25 12.56 3.33 -3.19
CA GLN B 25 11.58 4.40 -3.15
C GLN B 25 10.24 3.87 -2.62
N CYS B 26 9.78 4.49 -1.55
CA CYS B 26 8.52 4.09 -0.93
C CYS B 26 7.43 4.14 -2.01
N ALA B 27 6.35 3.41 -1.75
CA ALA B 27 5.24 3.37 -2.68
C ALA B 27 4.06 4.13 -2.09
N TYR B 28 4.00 4.13 -0.77
CA TYR B 28 2.92 4.82 -0.07
C TYR B 28 3.05 6.34 -0.21
N CYS B 29 4.13 6.87 0.34
CA CYS B 29 4.38 8.30 0.27
C CYS B 29 5.17 8.60 -1.00
N LYS B 30 6.16 7.76 -1.26
CA LYS B 30 6.99 7.92 -2.44
C LYS B 30 8.31 8.61 -2.05
N GLU B 31 8.75 8.31 -0.84
CA GLU B 31 9.99 8.87 -0.34
C GLU B 31 11.11 7.82 -0.36
N LYS B 32 12.24 8.21 -0.93
CA LYS B 32 13.38 7.32 -1.02
C LYS B 32 14.05 7.22 0.35
N GLY B 33 14.34 5.99 0.75
CA GLY B 33 14.99 5.75 2.03
C GLY B 33 14.36 4.56 2.74
N HIS B 34 13.03 4.56 2.78
CA HIS B 34 12.31 3.48 3.43
C HIS B 34 11.39 2.79 2.40
N TRP B 35 10.74 1.73 2.87
CA TRP B 35 9.85 0.98 2.00
C TRP B 35 8.42 1.20 2.50
N ALA B 36 7.46 0.89 1.64
CA ALA B 36 6.07 1.05 1.97
C ALA B 36 5.75 0.24 3.23
N LYS B 37 6.34 -0.95 3.29
CA LYS B 37 6.14 -1.83 4.42
C LYS B 37 6.72 -1.18 5.69
N ASP B 38 7.46 -0.10 5.46
CA ASP B 38 8.09 0.62 6.56
C ASP B 38 7.81 2.11 6.41
N CYS B 39 6.67 2.41 5.80
CA CYS B 39 6.28 3.80 5.58
C CYS B 39 5.90 4.41 6.94
N PRO B 40 6.54 5.57 7.24
CA PRO B 40 6.28 6.26 8.48
C PRO B 40 4.92 6.98 8.44
N LYS B 41 4.24 6.82 7.32
CA LYS B 41 2.94 7.44 7.14
C LYS B 41 1.85 6.49 7.66
N LYS B 42 2.21 5.22 7.73
CA LYS B 42 1.28 4.21 8.20
C LYS B 42 0.62 4.69 9.48
N PRO B 43 -0.68 5.11 9.34
CA PRO B 43 -1.44 5.60 10.49
C PRO B 43 -1.86 4.44 11.39
N ARG B 44 -2.26 4.80 12.60
CA ARG B 44 -2.69 3.81 13.57
C ARG B 44 -4.02 4.23 14.19
N GLY B 45 -5.09 3.93 13.48
CA GLY B 45 -6.42 4.27 13.95
C GLY B 45 -6.62 5.79 14.01
N PRO B 46 -7.86 6.20 14.37
CA PRO B 46 -8.92 5.23 14.65
C PRO B 46 -9.44 4.61 13.36
N ARG B 47 -10.22 3.55 13.53
CA ARG B 47 -10.80 2.85 12.40
C ARG B 47 -12.08 3.54 11.94
N GLY B 48 -12.29 3.51 10.63
CA GLY B 48 -13.48 4.14 10.05
C GLY B 48 -13.12 5.41 9.28
N PRO B 49 -12.95 5.23 7.94
CA PRO B 49 -12.61 6.34 7.08
C PRO B 49 -13.81 7.27 6.85
N ARG B 50 -13.85 8.33 7.64
CA ARG B 50 -14.94 9.29 7.53
C ARG B 50 -16.27 8.62 7.83
N PRO B 51 -16.99 9.17 8.85
CA PRO B 51 -18.28 8.63 9.24
C PRO B 51 -19.36 9.00 8.23
N GLN B 52 -19.17 8.53 7.01
CA GLN B 52 -20.12 8.80 5.94
C GLN B 52 -20.55 7.50 5.27
N THR B 53 -21.77 7.52 4.73
CA THR B 53 -22.31 6.35 4.07
C THR B 53 -21.43 5.98 2.87
N SER B 54 -20.94 4.74 2.91
CA SER B 54 -20.09 4.24 1.84
C SER B 54 -20.65 2.93 1.29
N LEU B 55 -20.06 2.48 0.20
CA LEU B 55 -20.48 1.24 -0.43
C LEU B 55 -21.95 1.37 -0.83
N LEU B 56 -22.38 0.44 -1.69
CA LEU B 56 -23.76 0.44 -2.15
C LEU B 56 -24.02 1.70 -2.98
N ALA B 1 -12.04 -22.04 16.86
CA ALA B 1 -11.54 -20.78 16.36
C ALA B 1 -11.56 -20.80 14.83
N THR B 2 -11.58 -19.60 14.26
CA THR B 2 -11.61 -19.45 12.81
C THR B 2 -10.65 -18.36 12.37
N VAL B 3 -9.40 -18.76 12.18
CA VAL B 3 -8.37 -17.82 11.76
C VAL B 3 -7.96 -18.14 10.32
N VAL B 4 -8.91 -17.97 9.42
CA VAL B 4 -8.67 -18.23 8.00
C VAL B 4 -9.02 -16.99 7.18
N SER B 5 -8.42 -16.90 6.01
CA SER B 5 -8.65 -15.77 5.13
C SER B 5 -8.07 -16.06 3.74
N GLY B 6 -8.66 -15.41 2.74
CA GLY B 6 -8.21 -15.57 1.37
C GLY B 6 -9.03 -14.71 0.41
N GLN B 7 -8.34 -14.14 -0.55
CA GLN B 7 -8.98 -13.29 -1.53
C GLN B 7 -8.06 -13.08 -2.74
N LYS B 8 -8.54 -13.50 -3.90
CA LYS B 8 -7.78 -13.36 -5.13
C LYS B 8 -7.20 -11.95 -5.21
N GLN B 9 -6.09 -11.84 -5.91
CA GLN B 9 -5.43 -10.56 -6.06
C GLN B 9 -6.01 -9.81 -7.26
N ASP B 10 -5.91 -10.43 -8.43
CA ASP B 10 -6.43 -9.83 -9.64
C ASP B 10 -5.89 -8.40 -9.78
N ARG B 11 -4.82 -8.28 -10.56
CA ARG B 11 -4.19 -6.99 -10.78
C ARG B 11 -3.40 -7.00 -12.09
N GLN B 12 -3.49 -5.89 -12.80
CA GLN B 12 -2.79 -5.76 -14.07
C GLN B 12 -1.85 -4.54 -14.03
N GLY B 13 -2.45 -3.38 -13.83
CA GLY B 13 -1.69 -2.15 -13.77
C GLY B 13 -2.05 -1.22 -14.94
N GLY B 14 -1.97 0.08 -14.67
CA GLY B 14 -2.28 1.07 -15.68
C GLY B 14 -1.44 0.86 -16.94
N GLU B 15 -0.30 1.54 -16.97
CA GLU B 15 0.59 1.43 -18.11
C GLU B 15 2.04 1.69 -17.68
N ARG B 16 2.51 0.82 -16.79
CA ARG B 16 3.87 0.93 -16.29
C ARG B 16 4.20 2.40 -15.98
N ARG B 17 3.96 2.77 -14.73
CA ARG B 17 4.23 4.13 -14.30
C ARG B 17 3.93 4.27 -12.80
N ARG B 18 4.97 4.10 -12.00
CA ARG B 18 4.84 4.20 -10.56
C ARG B 18 5.86 5.20 -10.00
N SER B 19 5.81 6.41 -10.55
CA SER B 19 6.72 7.45 -10.11
C SER B 19 8.14 6.90 -9.99
N GLN B 20 8.65 6.41 -11.11
CA GLN B 20 9.99 5.85 -11.13
C GLN B 20 10.26 5.05 -9.85
N LEU B 21 9.25 4.30 -9.44
CA LEU B 21 9.36 3.49 -8.24
C LEU B 21 10.75 2.84 -8.20
N ASP B 22 11.59 3.38 -7.34
CA ASP B 22 12.95 2.87 -7.19
C ASP B 22 12.93 1.70 -6.21
N ARG B 23 13.91 0.81 -6.38
CA ARG B 23 14.02 -0.36 -5.53
C ARG B 23 14.35 0.07 -4.09
N ASP B 24 14.60 1.35 -3.93
CA ASP B 24 14.93 1.89 -2.62
C ASP B 24 14.00 3.07 -2.32
N GLN B 25 12.81 3.02 -2.89
CA GLN B 25 11.83 4.07 -2.68
C GLN B 25 10.62 3.52 -1.93
N CYS B 26 9.71 4.43 -1.59
CA CYS B 26 8.51 4.05 -0.86
C CYS B 26 7.33 4.13 -1.83
N ALA B 27 6.54 3.06 -1.86
CA ALA B 27 5.39 3.01 -2.72
C ALA B 27 4.15 3.43 -1.93
N TYR B 28 4.36 4.37 -1.03
CA TYR B 28 3.27 4.88 -0.21
C TYR B 28 3.26 6.41 -0.19
N CYS B 29 4.33 6.98 0.35
CA CYS B 29 4.46 8.42 0.42
C CYS B 29 5.38 8.89 -0.71
N LYS B 30 5.99 7.92 -1.36
CA LYS B 30 6.89 8.20 -2.46
C LYS B 30 8.24 8.70 -1.91
N GLU B 31 8.48 8.34 -0.64
CA GLU B 31 9.71 8.73 0.02
C GLU B 31 10.85 7.79 -0.37
N LYS B 32 11.99 8.38 -0.68
CA LYS B 32 13.16 7.60 -1.06
C LYS B 32 14.00 7.32 0.18
N GLY B 33 14.16 6.03 0.48
CA GLY B 33 14.94 5.62 1.63
C GLY B 33 14.30 4.42 2.32
N HIS B 34 13.01 4.56 2.62
CA HIS B 34 12.28 3.49 3.29
C HIS B 34 11.30 2.85 2.29
N TRP B 35 10.76 1.71 2.69
CA TRP B 35 9.80 1.01 1.86
C TRP B 35 8.40 1.26 2.42
N ALA B 36 7.41 1.02 1.57
CA ALA B 36 6.02 1.22 1.96
C ALA B 36 5.71 0.36 3.19
N LYS B 37 6.30 -0.83 3.20
CA LYS B 37 6.09 -1.76 4.31
C LYS B 37 6.66 -1.14 5.59
N ASP B 38 7.42 -0.08 5.41
CA ASP B 38 8.02 0.61 6.54
C ASP B 38 7.80 2.12 6.39
N CYS B 39 6.66 2.46 5.81
CA CYS B 39 6.30 3.86 5.61
C CYS B 39 5.95 4.46 6.97
N PRO B 40 6.64 5.59 7.29
CA PRO B 40 6.41 6.27 8.56
C PRO B 40 5.09 7.05 8.52
N LYS B 41 4.42 6.95 7.38
CA LYS B 41 3.15 7.64 7.21
C LYS B 41 2.00 6.66 7.43
N LYS B 42 2.33 5.38 7.35
CA LYS B 42 1.35 4.33 7.55
C LYS B 42 1.57 3.68 8.91
N PRO B 43 0.46 3.12 9.46
CA PRO B 43 0.53 2.45 10.76
C PRO B 43 1.22 1.08 10.64
N ARG B 44 1.61 0.56 11.79
CA ARG B 44 2.27 -0.73 11.83
C ARG B 44 1.54 -1.73 10.93
N GLY B 45 2.27 -2.24 9.96
CA GLY B 45 1.70 -3.21 9.03
C GLY B 45 2.58 -4.46 8.93
N PRO B 46 2.14 -5.40 8.06
CA PRO B 46 0.93 -5.20 7.29
C PRO B 46 -0.31 -5.39 8.17
N ARG B 47 -1.47 -5.32 7.53
CA ARG B 47 -2.73 -5.48 8.25
C ARG B 47 -2.86 -4.42 9.34
N GLY B 48 -4.10 -4.15 9.71
CA GLY B 48 -4.38 -3.15 10.74
C GLY B 48 -5.88 -3.00 10.95
N PRO B 49 -6.29 -1.73 11.23
CA PRO B 49 -7.69 -1.43 11.47
C PRO B 49 -8.47 -1.43 10.15
N ARG B 50 -9.45 -2.32 10.08
CA ARG B 50 -10.27 -2.44 8.89
C ARG B 50 -11.73 -2.13 9.22
N PRO B 51 -12.29 -1.14 8.48
CA PRO B 51 -13.68 -0.74 8.69
C PRO B 51 -14.65 -1.77 8.12
N GLN B 52 -15.93 -1.51 8.30
CA GLN B 52 -16.95 -2.41 7.81
C GLN B 52 -18.05 -1.62 7.08
N THR B 53 -18.67 -0.71 7.82
CA THR B 53 -19.72 0.11 7.28
C THR B 53 -19.26 0.80 6.00
N SER B 54 -19.87 0.42 4.89
CA SER B 54 -19.51 0.98 3.59
C SER B 54 -20.50 0.51 2.53
N LEU B 55 -21.12 1.48 1.87
CA LEU B 55 -22.09 1.17 0.83
C LEU B 55 -21.36 0.64 -0.41
N LEU B 56 -22.15 0.16 -1.36
CA LEU B 56 -21.58 -0.38 -2.58
C LEU B 56 -22.30 0.24 -3.78
N ALA B 1 -41.55 7.52 -16.78
CA ALA B 1 -40.67 7.81 -15.66
C ALA B 1 -39.31 8.26 -16.19
N THR B 2 -38.63 9.07 -15.40
CA THR B 2 -37.33 9.58 -15.78
C THR B 2 -36.25 9.04 -14.83
N VAL B 3 -35.06 8.84 -15.38
CA VAL B 3 -33.94 8.34 -14.59
C VAL B 3 -32.64 8.86 -15.18
N VAL B 4 -31.74 9.27 -14.29
CA VAL B 4 -30.45 9.79 -14.70
C VAL B 4 -29.53 9.90 -13.49
N SER B 5 -28.27 9.57 -13.72
CA SER B 5 -27.28 9.62 -12.65
C SER B 5 -25.94 9.08 -13.15
N GLY B 6 -24.88 9.81 -12.83
CA GLY B 6 -23.55 9.42 -13.23
C GLY B 6 -22.49 10.33 -12.59
N GLN B 7 -21.29 9.78 -12.45
CA GLN B 7 -20.20 10.53 -11.85
C GLN B 7 -18.88 10.21 -12.58
N LYS B 8 -17.89 11.03 -12.33
CA LYS B 8 -16.58 10.84 -12.94
C LYS B 8 -16.12 9.40 -12.70
N GLN B 9 -15.39 8.89 -13.69
CA GLN B 9 -14.88 7.53 -13.60
C GLN B 9 -13.55 7.42 -14.36
N ASP B 10 -12.65 6.64 -13.78
CA ASP B 10 -11.33 6.44 -14.39
C ASP B 10 -11.51 6.18 -15.89
N ARG B 11 -10.71 6.87 -16.67
CA ARG B 11 -10.76 6.73 -18.12
C ARG B 11 -9.87 5.55 -18.57
N GLN B 12 -9.03 5.12 -17.66
CA GLN B 12 -8.12 4.00 -17.95
C GLN B 12 -7.23 3.72 -16.74
N GLY B 13 -6.74 2.49 -16.68
CA GLY B 13 -5.87 2.09 -15.59
C GLY B 13 -4.40 2.30 -15.96
N GLY B 14 -3.69 1.19 -16.11
CA GLY B 14 -2.28 1.24 -16.46
C GLY B 14 -1.44 0.41 -15.48
N GLU B 15 -0.66 1.11 -14.68
CA GLU B 15 0.19 0.45 -13.70
C GLU B 15 1.24 -0.41 -14.41
N ARG B 16 2.48 0.08 -14.38
CA ARG B 16 3.58 -0.64 -15.01
C ARG B 16 4.92 -0.12 -14.49
N ARG B 17 5.10 1.18 -14.64
CA ARG B 17 6.33 1.81 -14.19
C ARG B 17 6.19 2.28 -12.74
N ARG B 18 4.94 2.41 -12.32
CA ARG B 18 4.65 2.85 -10.96
C ARG B 18 5.59 4.00 -10.57
N SER B 19 5.49 5.08 -11.32
CA SER B 19 6.31 6.26 -11.07
C SER B 19 7.75 5.83 -10.77
N GLN B 20 8.36 5.18 -11.76
CA GLN B 20 9.72 4.73 -11.62
C GLN B 20 9.98 4.27 -10.19
N LEU B 21 9.02 3.52 -9.65
CA LEU B 21 9.14 3.02 -8.29
C LEU B 21 10.55 2.45 -8.08
N ASP B 22 11.38 3.24 -7.43
CA ASP B 22 12.74 2.83 -7.15
C ASP B 22 12.74 1.65 -6.17
N ARG B 23 13.68 0.75 -6.36
CA ARG B 23 13.80 -0.41 -5.51
C ARG B 23 14.17 0.01 -4.08
N ASP B 24 14.48 1.29 -3.94
CA ASP B 24 14.86 1.82 -2.64
C ASP B 24 13.97 3.02 -2.31
N GLN B 25 12.76 2.98 -2.86
CA GLN B 25 11.80 4.05 -2.63
C GLN B 25 10.59 3.52 -1.87
N CYS B 26 9.63 4.42 -1.68
CA CYS B 26 8.40 4.05 -0.96
C CYS B 26 7.23 4.19 -1.93
N ALA B 27 6.46 3.11 -2.01
CA ALA B 27 5.30 3.09 -2.90
C ALA B 27 4.05 3.48 -2.10
N TYR B 28 4.25 4.38 -1.14
CA TYR B 28 3.15 4.83 -0.31
C TYR B 28 3.12 6.37 -0.25
N CYS B 29 4.19 6.93 0.28
CA CYS B 29 4.29 8.37 0.40
C CYS B 29 5.09 8.90 -0.79
N LYS B 30 5.92 8.02 -1.35
CA LYS B 30 6.74 8.38 -2.48
C LYS B 30 8.11 8.88 -1.99
N GLU B 31 8.47 8.42 -0.80
CA GLU B 31 9.74 8.80 -0.21
C GLU B 31 10.86 7.87 -0.69
N LYS B 32 12.09 8.30 -0.44
CA LYS B 32 13.24 7.52 -0.85
C LYS B 32 14.10 7.22 0.37
N GLY B 33 14.30 5.93 0.61
CA GLY B 33 15.11 5.50 1.75
C GLY B 33 14.42 4.35 2.50
N HIS B 34 13.11 4.49 2.64
CA HIS B 34 12.33 3.48 3.34
C HIS B 34 11.34 2.84 2.36
N TRP B 35 10.80 1.70 2.77
CA TRP B 35 9.85 0.98 1.94
C TRP B 35 8.45 1.26 2.48
N ALA B 36 7.46 1.03 1.63
CA ALA B 36 6.08 1.26 2.00
C ALA B 36 5.73 0.40 3.22
N LYS B 37 6.29 -0.80 3.23
CA LYS B 37 6.06 -1.72 4.33
C LYS B 37 6.67 -1.16 5.61
N ASP B 38 7.45 -0.10 5.44
CA ASP B 38 8.09 0.55 6.57
C ASP B 38 7.89 2.06 6.47
N CYS B 39 6.80 2.44 5.82
CA CYS B 39 6.49 3.85 5.65
C CYS B 39 6.21 4.45 7.02
N PRO B 40 6.94 5.56 7.34
CA PRO B 40 6.79 6.24 8.61
C PRO B 40 5.49 7.04 8.65
N LYS B 41 4.76 6.97 7.54
CA LYS B 41 3.51 7.69 7.43
C LYS B 41 2.34 6.76 7.81
N LYS B 42 2.63 5.47 7.75
CA LYS B 42 1.63 4.46 8.08
C LYS B 42 1.10 4.74 9.48
N PRO B 43 -0.18 5.20 9.54
CA PRO B 43 -0.81 5.51 10.81
C PRO B 43 -1.22 4.22 11.54
N ARG B 44 -0.77 4.11 12.77
CA ARG B 44 -1.07 2.95 13.58
C ARG B 44 -0.86 1.67 12.78
N GLY B 45 0.33 1.10 12.95
CA GLY B 45 0.68 -0.13 12.24
C GLY B 45 2.07 -0.61 12.63
N PRO B 46 2.45 -1.80 12.08
CA PRO B 46 1.56 -2.52 11.20
C PRO B 46 0.43 -3.20 11.99
N ARG B 47 -0.75 -3.21 11.39
CA ARG B 47 -1.91 -3.82 12.02
C ARG B 47 -1.59 -5.25 12.46
N GLY B 48 -2.41 -5.76 13.36
CA GLY B 48 -2.23 -7.11 13.87
C GLY B 48 -2.46 -8.14 12.77
N PRO B 49 -1.36 -8.83 12.39
CA PRO B 49 -1.43 -9.85 11.35
C PRO B 49 -2.08 -11.13 11.88
N ARG B 50 -3.03 -11.63 11.12
CA ARG B 50 -3.74 -12.84 11.50
C ARG B 50 -4.59 -13.35 10.33
N PRO B 51 -3.93 -14.12 9.43
CA PRO B 51 -4.62 -14.66 8.27
C PRO B 51 -5.51 -15.84 8.67
N GLN B 52 -4.97 -16.68 9.53
CA GLN B 52 -5.70 -17.86 9.99
C GLN B 52 -6.10 -17.68 11.47
N THR B 53 -6.94 -18.59 11.93
CA THR B 53 -7.41 -18.55 13.30
C THR B 53 -6.89 -19.76 14.08
N SER B 54 -5.58 -19.84 14.17
CA SER B 54 -4.94 -20.94 14.88
C SER B 54 -3.98 -20.40 15.94
N LEU B 55 -4.13 -20.91 17.15
CA LEU B 55 -3.28 -20.49 18.25
C LEU B 55 -1.86 -21.01 18.02
N LEU B 56 -0.93 -20.07 18.01
CA LEU B 56 0.47 -20.41 17.82
C LEU B 56 1.34 -19.61 18.78
N ALA B 1 21.26 -27.63 -5.71
CA ALA B 1 20.28 -27.40 -4.66
C ALA B 1 20.33 -25.94 -4.23
N THR B 2 19.16 -25.37 -4.02
CA THR B 2 19.05 -23.99 -3.60
C THR B 2 19.82 -23.08 -4.57
N VAL B 3 19.09 -22.56 -5.54
CA VAL B 3 19.69 -21.67 -6.53
C VAL B 3 18.95 -20.34 -6.54
N VAL B 4 19.73 -19.26 -6.50
CA VAL B 4 19.17 -17.93 -6.50
C VAL B 4 18.09 -17.84 -7.58
N SER B 5 16.97 -17.22 -7.22
CA SER B 5 15.87 -17.06 -8.15
C SER B 5 16.01 -15.74 -8.91
N GLY B 6 16.00 -15.85 -10.22
CA GLY B 6 16.13 -14.68 -11.08
C GLY B 6 16.08 -15.06 -12.55
N GLN B 7 14.88 -15.09 -13.09
CA GLN B 7 14.69 -15.45 -14.49
C GLN B 7 14.67 -14.19 -15.36
N LYS B 8 15.30 -14.30 -16.51
CA LYS B 8 15.38 -13.19 -17.45
C LYS B 8 13.96 -12.71 -17.78
N GLN B 9 13.81 -11.41 -17.87
CA GLN B 9 12.53 -10.81 -18.18
C GLN B 9 12.15 -11.08 -19.63
N ASP B 10 13.12 -10.91 -20.51
CA ASP B 10 12.92 -11.14 -21.94
C ASP B 10 11.81 -10.21 -22.43
N ARG B 11 10.58 -10.65 -22.27
CA ARG B 11 9.43 -9.87 -22.69
C ARG B 11 8.62 -9.41 -21.48
N GLN B 12 8.24 -8.14 -21.52
CA GLN B 12 7.47 -7.56 -20.43
C GLN B 12 6.68 -6.34 -20.92
N GLY B 13 5.80 -6.60 -21.88
CA GLY B 13 4.99 -5.54 -22.45
C GLY B 13 3.57 -5.59 -21.90
N GLY B 14 3.10 -4.43 -21.44
CA GLY B 14 1.76 -4.33 -20.88
C GLY B 14 1.80 -4.34 -19.36
N GLU B 15 2.49 -3.35 -18.81
CA GLU B 15 2.61 -3.23 -17.36
C GLU B 15 2.54 -1.77 -16.95
N ARG B 16 1.77 -1.53 -15.89
CA ARG B 16 1.60 -0.18 -15.38
C ARG B 16 2.87 0.28 -14.66
N ARG B 17 3.29 1.49 -15.00
CA ARG B 17 4.49 2.05 -14.40
C ARG B 17 4.12 2.92 -13.19
N ARG B 18 4.68 2.56 -12.05
CA ARG B 18 4.42 3.29 -10.83
C ARG B 18 5.34 4.51 -10.73
N SER B 19 5.21 5.39 -11.71
CA SER B 19 6.00 6.60 -11.76
C SER B 19 7.48 6.23 -11.89
N GLN B 20 8.11 5.97 -10.75
CA GLN B 20 9.51 5.60 -10.73
C GLN B 20 9.84 4.80 -9.47
N LEU B 21 8.84 4.06 -9.00
CA LEU B 21 9.01 3.24 -7.82
C LEU B 21 10.36 2.55 -7.86
N ASP B 22 11.31 3.12 -7.12
CA ASP B 22 12.65 2.56 -7.07
C ASP B 22 12.70 1.44 -6.03
N ARG B 23 13.67 0.55 -6.21
CA ARG B 23 13.82 -0.57 -5.30
C ARG B 23 14.34 -0.08 -3.94
N ASP B 24 14.51 1.23 -3.84
CA ASP B 24 14.99 1.83 -2.61
C ASP B 24 14.11 3.04 -2.26
N GLN B 25 12.90 3.02 -2.80
CA GLN B 25 11.97 4.10 -2.56
C GLN B 25 10.71 3.56 -1.86
N CYS B 26 9.73 4.44 -1.71
CA CYS B 26 8.48 4.07 -1.07
C CYS B 26 7.35 4.22 -2.09
N ALA B 27 6.26 3.51 -1.82
CA ALA B 27 5.11 3.56 -2.70
C ALA B 27 3.96 4.27 -1.99
N TYR B 28 3.96 4.17 -0.67
CA TYR B 28 2.92 4.80 0.13
C TYR B 28 2.99 6.32 0.01
N CYS B 29 4.13 6.87 0.40
CA CYS B 29 4.33 8.30 0.35
C CYS B 29 5.03 8.63 -0.97
N LYS B 30 5.99 7.80 -1.33
CA LYS B 30 6.75 7.98 -2.56
C LYS B 30 8.08 8.65 -2.23
N GLU B 31 8.59 8.33 -1.05
CA GLU B 31 9.86 8.89 -0.61
C GLU B 31 11.02 7.97 -1.02
N LYS B 32 12.19 8.29 -0.52
CA LYS B 32 13.38 7.50 -0.83
C LYS B 32 14.15 7.23 0.46
N GLY B 33 14.40 5.95 0.70
CA GLY B 33 15.12 5.54 1.89
C GLY B 33 14.42 4.37 2.58
N HIS B 34 13.12 4.52 2.75
CA HIS B 34 12.32 3.49 3.40
C HIS B 34 11.39 2.85 2.38
N TRP B 35 10.79 1.74 2.79
CA TRP B 35 9.87 1.02 1.92
C TRP B 35 8.45 1.25 2.45
N ALA B 36 7.49 0.97 1.58
CA ALA B 36 6.09 1.15 1.94
C ALA B 36 5.78 0.29 3.17
N LYS B 37 6.36 -0.91 3.19
CA LYS B 37 6.16 -1.83 4.29
C LYS B 37 6.71 -1.21 5.57
N ASP B 38 7.45 -0.11 5.40
CA ASP B 38 8.04 0.57 6.53
C ASP B 38 7.81 2.08 6.37
N CYS B 39 6.67 2.42 5.81
CA CYS B 39 6.32 3.81 5.59
C CYS B 39 5.92 4.42 6.94
N PRO B 40 6.51 5.61 7.23
CA PRO B 40 6.22 6.29 8.48
C PRO B 40 4.85 6.95 8.44
N LYS B 41 4.18 6.79 7.32
CA LYS B 41 2.85 7.36 7.13
C LYS B 41 1.80 6.28 7.38
N LYS B 42 2.24 5.03 7.32
CA LYS B 42 1.35 3.90 7.53
C LYS B 42 1.33 3.55 9.02
N PRO B 43 0.15 3.03 9.47
CA PRO B 43 -0.02 2.66 10.86
C PRO B 43 0.71 1.35 11.16
N ARG B 44 1.22 1.25 12.38
CA ARG B 44 1.94 0.05 12.80
C ARG B 44 1.09 -1.19 12.55
N GLY B 45 1.71 -2.17 11.92
CA GLY B 45 1.04 -3.42 11.60
C GLY B 45 1.66 -4.59 12.36
N PRO B 46 1.06 -5.79 12.14
CA PRO B 46 -0.08 -5.92 11.26
C PRO B 46 -1.35 -5.37 11.92
N ARG B 47 -1.62 -5.88 13.11
CA ARG B 47 -2.79 -5.45 13.85
C ARG B 47 -4.04 -5.53 12.96
N GLY B 48 -4.68 -6.70 12.97
CA GLY B 48 -5.87 -6.92 12.18
C GLY B 48 -5.51 -7.42 10.78
N PRO B 49 -6.49 -8.14 10.16
CA PRO B 49 -6.29 -8.67 8.82
C PRO B 49 -6.38 -7.57 7.76
N ARG B 50 -5.75 -7.83 6.63
CA ARG B 50 -5.75 -6.87 5.54
C ARG B 50 -6.50 -7.44 4.33
N PRO B 51 -7.36 -6.58 3.74
CA PRO B 51 -8.15 -6.99 2.58
C PRO B 51 -7.28 -7.04 1.33
N GLN B 52 -7.62 -7.97 0.45
CA GLN B 52 -6.89 -8.15 -0.79
C GLN B 52 -7.59 -7.39 -1.93
N THR B 53 -8.84 -7.75 -2.15
CA THR B 53 -9.63 -7.12 -3.20
C THR B 53 -8.97 -7.35 -4.57
N SER B 54 -9.52 -8.32 -5.28
CA SER B 54 -8.99 -8.66 -6.61
C SER B 54 -9.00 -7.41 -7.50
N LEU B 55 -7.91 -7.21 -8.20
CA LEU B 55 -7.78 -6.07 -9.10
C LEU B 55 -8.97 -6.04 -10.05
N LEU B 56 -9.05 -7.09 -10.88
CA LEU B 56 -10.12 -7.19 -11.85
C LEU B 56 -11.36 -7.79 -11.17
N ALA B 1 21.23 8.24 -22.75
CA ALA B 1 20.26 9.27 -22.48
C ALA B 1 19.27 9.36 -23.65
N THR B 2 18.52 8.29 -23.83
CA THR B 2 17.54 8.23 -24.90
C THR B 2 16.13 8.48 -24.35
N VAL B 3 15.27 8.97 -25.23
CA VAL B 3 13.89 9.26 -24.85
C VAL B 3 12.95 8.64 -25.88
N VAL B 4 13.00 7.33 -25.98
CA VAL B 4 12.16 6.61 -26.92
C VAL B 4 10.95 6.03 -26.18
N SER B 5 9.79 6.22 -26.78
CA SER B 5 8.56 5.73 -26.19
C SER B 5 8.36 4.25 -26.55
N GLY B 6 7.63 3.56 -25.69
CA GLY B 6 7.36 2.15 -25.91
C GLY B 6 8.53 1.28 -25.43
N GLN B 7 8.62 1.14 -24.11
CA GLN B 7 9.69 0.35 -23.52
C GLN B 7 9.32 -0.04 -22.08
N LYS B 8 9.16 0.99 -21.26
CA LYS B 8 8.82 0.78 -19.87
C LYS B 8 7.46 0.08 -19.78
N GLN B 9 7.17 -0.44 -18.59
CA GLN B 9 5.92 -1.13 -18.37
C GLN B 9 5.90 -2.46 -19.13
N ASP B 10 6.64 -3.43 -18.58
CA ASP B 10 6.71 -4.74 -19.20
C ASP B 10 6.52 -5.81 -18.13
N ARG B 11 5.26 -6.11 -17.85
CA ARG B 11 4.92 -7.11 -16.85
C ARG B 11 3.42 -7.40 -16.89
N GLN B 12 3.09 -8.66 -16.60
CA GLN B 12 1.70 -9.08 -16.59
C GLN B 12 1.32 -9.61 -15.21
N GLY B 13 0.96 -8.69 -14.33
CA GLY B 13 0.57 -9.06 -12.98
C GLY B 13 0.67 -7.85 -12.04
N GLY B 14 -0.17 -6.86 -12.29
CA GLY B 14 -0.18 -5.66 -11.48
C GLY B 14 1.09 -4.84 -11.70
N GLU B 15 1.00 -3.92 -12.65
CA GLU B 15 2.13 -3.07 -12.98
C GLU B 15 1.74 -2.04 -14.04
N ARG B 16 1.62 -0.79 -13.60
CA ARG B 16 1.25 0.29 -14.49
C ARG B 16 1.98 1.58 -14.10
N ARG B 17 3.22 1.69 -14.57
CA ARG B 17 4.03 2.85 -14.28
C ARG B 17 4.60 2.77 -12.86
N ARG B 18 3.69 2.75 -11.90
CA ARG B 18 4.09 2.68 -10.50
C ARG B 18 4.73 3.98 -10.05
N SER B 19 4.23 5.08 -10.61
CA SER B 19 4.73 6.39 -10.29
C SER B 19 6.27 6.36 -10.21
N GLN B 20 6.87 5.85 -11.28
CA GLN B 20 8.32 5.75 -11.35
C GLN B 20 8.88 5.28 -10.01
N LEU B 21 8.29 4.22 -9.50
CA LEU B 21 8.73 3.66 -8.22
C LEU B 21 10.21 3.29 -8.32
N ASP B 22 10.83 3.19 -7.15
CA ASP B 22 12.24 2.84 -7.09
C ASP B 22 12.43 1.69 -6.10
N ARG B 23 13.46 0.89 -6.36
CA ARG B 23 13.77 -0.24 -5.51
C ARG B 23 14.22 0.23 -4.13
N ASP B 24 14.37 1.55 -4.01
CA ASP B 24 14.79 2.14 -2.76
C ASP B 24 13.88 3.32 -2.41
N GLN B 25 12.65 3.23 -2.91
CA GLN B 25 11.67 4.27 -2.67
C GLN B 25 10.45 3.70 -1.93
N CYS B 26 9.45 4.55 -1.78
CA CYS B 26 8.23 4.14 -1.09
C CYS B 26 7.10 4.09 -2.12
N ALA B 27 6.15 3.20 -1.86
CA ALA B 27 5.02 3.04 -2.76
C ALA B 27 3.76 3.58 -2.08
N TYR B 28 3.98 4.47 -1.12
CA TYR B 28 2.88 5.08 -0.39
C TYR B 28 3.01 6.60 -0.37
N CYS B 29 4.12 7.07 0.19
CA CYS B 29 4.38 8.49 0.28
C CYS B 29 5.23 8.89 -0.93
N LYS B 30 6.03 7.95 -1.39
CA LYS B 30 6.90 8.21 -2.54
C LYS B 30 8.24 8.75 -2.06
N GLU B 31 8.60 8.34 -0.85
CA GLU B 31 9.85 8.78 -0.24
C GLU B 31 10.99 7.86 -0.70
N LYS B 32 12.21 8.28 -0.37
CA LYS B 32 13.39 7.52 -0.73
C LYS B 32 14.20 7.19 0.53
N GLY B 33 14.38 5.91 0.76
CA GLY B 33 15.13 5.45 1.92
C GLY B 33 14.41 4.30 2.62
N HIS B 34 13.10 4.48 2.80
CA HIS B 34 12.29 3.47 3.45
C HIS B 34 11.35 2.84 2.43
N TRP B 35 10.82 1.67 2.79
CA TRP B 35 9.91 0.96 1.92
C TRP B 35 8.49 1.16 2.45
N ALA B 36 7.52 0.82 1.62
CA ALA B 36 6.13 0.96 1.98
C ALA B 36 5.87 0.17 3.27
N LYS B 37 6.49 -1.00 3.34
CA LYS B 37 6.32 -1.86 4.50
C LYS B 37 6.91 -1.16 5.73
N ASP B 38 7.63 -0.08 5.47
CA ASP B 38 8.25 0.69 6.55
C ASP B 38 7.94 2.17 6.35
N CYS B 39 6.78 2.43 5.77
CA CYS B 39 6.36 3.80 5.52
C CYS B 39 5.99 4.43 6.86
N PRO B 40 6.71 5.53 7.20
CA PRO B 40 6.45 6.23 8.45
C PRO B 40 5.18 7.07 8.36
N LYS B 41 4.55 7.01 7.19
CA LYS B 41 3.33 7.75 6.96
C LYS B 41 2.14 6.93 7.43
N LYS B 42 2.37 5.63 7.59
CA LYS B 42 1.34 4.72 8.03
C LYS B 42 0.86 5.13 9.42
N PRO B 43 -0.41 5.62 9.48
CA PRO B 43 -0.98 6.04 10.74
C PRO B 43 -1.38 4.84 11.60
N ARG B 44 -1.76 5.13 12.84
CA ARG B 44 -2.16 4.09 13.77
C ARG B 44 -3.68 4.07 13.92
N GLY B 45 -4.27 2.93 13.60
CA GLY B 45 -5.70 2.77 13.70
C GLY B 45 -6.33 2.57 12.32
N PRO B 46 -7.66 2.33 12.32
CA PRO B 46 -8.41 2.25 13.57
C PRO B 46 -8.13 0.93 14.29
N ARG B 47 -8.39 0.94 15.59
CA ARG B 47 -8.17 -0.24 16.41
C ARG B 47 -8.60 -1.50 15.65
N GLY B 48 -7.99 -2.61 16.01
CA GLY B 48 -8.30 -3.88 15.37
C GLY B 48 -9.37 -4.64 16.17
N PRO B 49 -9.22 -6.00 16.17
CA PRO B 49 -10.16 -6.84 16.87
C PRO B 49 -9.92 -6.79 18.38
N ARG B 50 -10.77 -7.50 19.12
CA ARG B 50 -10.66 -7.54 20.57
C ARG B 50 -11.08 -8.91 21.09
N PRO B 51 -10.35 -9.38 22.14
CA PRO B 51 -10.64 -10.67 22.74
C PRO B 51 -11.90 -10.60 23.61
N GLN B 52 -13.00 -11.00 23.01
CA GLN B 52 -14.28 -10.98 23.71
C GLN B 52 -15.25 -11.97 23.05
N THR B 53 -15.54 -11.70 21.79
CA THR B 53 -16.46 -12.56 21.05
C THR B 53 -17.61 -13.00 21.93
N SER B 54 -18.49 -12.05 22.22
CA SER B 54 -19.65 -12.33 23.06
C SER B 54 -20.31 -13.64 22.63
N LEU B 55 -20.88 -14.32 23.60
CA LEU B 55 -21.55 -15.59 23.34
C LEU B 55 -22.79 -15.35 22.48
N LEU B 56 -23.75 -14.65 23.08
CA LEU B 56 -24.99 -14.34 22.38
C LEU B 56 -25.73 -15.65 22.07
N ALA B 1 31.36 15.31 -16.06
CA ALA B 1 32.16 14.13 -16.35
C ALA B 1 31.85 13.04 -15.31
N THR B 2 30.82 12.27 -15.59
CA THR B 2 30.42 11.20 -14.70
C THR B 2 30.25 9.89 -15.48
N VAL B 3 30.62 8.81 -14.82
CA VAL B 3 30.53 7.48 -15.43
C VAL B 3 29.05 7.11 -15.57
N VAL B 4 28.74 6.46 -16.69
CA VAL B 4 27.37 6.04 -16.95
C VAL B 4 27.35 4.52 -17.12
N SER B 5 26.31 3.92 -16.55
CA SER B 5 26.16 2.47 -16.62
C SER B 5 24.88 2.04 -15.92
N GLY B 6 24.43 0.85 -16.23
CA GLY B 6 23.21 0.31 -15.64
C GLY B 6 23.16 -1.22 -15.77
N GLN B 7 21.95 -1.73 -15.84
CA GLN B 7 21.75 -3.17 -15.97
C GLN B 7 20.82 -3.46 -17.16
N LYS B 8 20.84 -4.73 -17.57
CA LYS B 8 20.01 -5.16 -18.69
C LYS B 8 18.83 -5.96 -18.16
N GLN B 9 17.64 -5.51 -18.52
CA GLN B 9 16.42 -6.17 -18.10
C GLN B 9 15.29 -5.88 -19.09
N ASP B 10 14.85 -6.94 -19.76
CA ASP B 10 13.77 -6.81 -20.72
C ASP B 10 12.52 -6.25 -20.04
N ARG B 11 12.18 -5.04 -20.42
CA ARG B 11 11.02 -4.37 -19.86
C ARG B 11 10.66 -3.12 -20.67
N GLN B 12 9.87 -3.35 -21.71
CA GLN B 12 9.45 -2.26 -22.58
C GLN B 12 7.96 -1.97 -22.38
N GLY B 13 7.15 -2.99 -22.62
CA GLY B 13 5.72 -2.85 -22.47
C GLY B 13 5.19 -1.62 -23.20
N GLY B 14 4.89 -0.59 -22.43
CA GLY B 14 4.39 0.65 -23.00
C GLY B 14 4.83 1.85 -22.17
N GLU B 15 6.14 2.01 -22.07
CA GLU B 15 6.70 3.12 -21.30
C GLU B 15 5.89 3.34 -20.02
N ARG B 16 6.21 2.52 -19.02
CA ARG B 16 5.53 2.62 -17.74
C ARG B 16 6.24 1.75 -16.70
N ARG B 17 6.31 2.27 -15.49
CA ARG B 17 6.96 1.56 -14.40
C ARG B 17 6.87 2.38 -13.11
N ARG B 18 5.69 2.34 -12.50
CA ARG B 18 5.47 3.06 -11.27
C ARG B 18 6.17 4.42 -11.31
N SER B 19 6.08 5.06 -12.46
CA SER B 19 6.70 6.37 -12.64
C SER B 19 8.22 6.23 -12.57
N GLN B 20 8.72 6.01 -11.36
CA GLN B 20 10.15 5.85 -11.15
C GLN B 20 10.41 5.18 -9.81
N LEU B 21 9.46 4.36 -9.39
CA LEU B 21 9.58 3.66 -8.12
C LEU B 21 10.92 2.94 -8.07
N ASP B 22 11.75 3.37 -7.14
CA ASP B 22 13.07 2.79 -6.97
C ASP B 22 12.96 1.57 -6.04
N ARG B 23 13.92 0.65 -6.21
CA ARG B 23 13.94 -0.54 -5.39
C ARG B 23 14.24 -0.19 -3.92
N ASP B 24 14.55 1.09 -3.71
CA ASP B 24 14.86 1.57 -2.38
C ASP B 24 14.00 2.80 -2.07
N GLN B 25 12.83 2.83 -2.71
CA GLN B 25 11.92 3.94 -2.51
C GLN B 25 10.64 3.46 -1.83
N CYS B 26 9.70 4.38 -1.68
CA CYS B 26 8.42 4.07 -1.04
C CYS B 26 7.33 4.11 -2.11
N ALA B 27 6.35 3.24 -1.95
CA ALA B 27 5.24 3.17 -2.88
C ALA B 27 3.96 3.63 -2.17
N TYR B 28 4.14 4.52 -1.21
CA TYR B 28 3.00 5.05 -0.47
C TYR B 28 3.07 6.58 -0.39
N CYS B 29 4.12 7.06 0.25
CA CYS B 29 4.31 8.49 0.41
C CYS B 29 5.15 9.00 -0.77
N LYS B 30 5.84 8.06 -1.40
CA LYS B 30 6.67 8.40 -2.55
C LYS B 30 8.04 8.89 -2.06
N GLU B 31 8.38 8.46 -0.85
CA GLU B 31 9.65 8.83 -0.26
C GLU B 31 10.76 7.88 -0.72
N LYS B 32 11.99 8.27 -0.42
CA LYS B 32 13.14 7.47 -0.81
C LYS B 32 14.01 7.22 0.43
N GLY B 33 14.29 5.95 0.67
CA GLY B 33 15.10 5.57 1.82
C GLY B 33 14.44 4.44 2.61
N HIS B 34 13.11 4.46 2.60
CA HIS B 34 12.35 3.45 3.32
C HIS B 34 11.38 2.75 2.36
N TRP B 35 10.87 1.62 2.81
CA TRP B 35 9.93 0.86 2.00
C TRP B 35 8.51 1.16 2.50
N ALA B 36 7.55 0.90 1.64
CA ALA B 36 6.15 1.14 1.99
C ALA B 36 5.81 0.39 3.27
N LYS B 37 6.24 -0.87 3.32
CA LYS B 37 5.98 -1.69 4.48
C LYS B 37 6.68 -1.08 5.70
N ASP B 38 7.57 -0.14 5.44
CA ASP B 38 8.30 0.52 6.49
C ASP B 38 8.03 2.02 6.42
N CYS B 39 6.93 2.37 5.77
CA CYS B 39 6.55 3.76 5.62
C CYS B 39 6.15 4.30 7.01
N PRO B 40 6.71 5.50 7.33
CA PRO B 40 6.43 6.12 8.61
C PRO B 40 5.03 6.74 8.64
N LYS B 41 4.33 6.57 7.52
CA LYS B 41 2.99 7.09 7.39
C LYS B 41 1.98 6.02 7.83
N LYS B 42 2.43 4.79 7.78
CA LYS B 42 1.58 3.66 8.18
C LYS B 42 0.80 4.05 9.43
N PRO B 43 -0.50 4.40 9.21
CA PRO B 43 -1.37 4.79 10.30
C PRO B 43 -1.81 3.56 11.11
N ARG B 44 -0.82 2.87 11.67
CA ARG B 44 -1.10 1.69 12.47
C ARG B 44 -0.60 1.88 13.89
N GLY B 45 -1.49 1.60 14.84
CA GLY B 45 -1.15 1.73 16.25
C GLY B 45 -1.07 3.20 16.66
N PRO B 46 -0.84 3.42 17.98
CA PRO B 46 -0.70 2.31 18.90
C PRO B 46 -2.05 1.67 19.21
N ARG B 47 -3.04 2.52 19.42
CA ARG B 47 -4.38 2.04 19.71
C ARG B 47 -5.32 2.34 18.54
N GLY B 48 -6.31 1.46 18.38
CA GLY B 48 -7.28 1.63 17.31
C GLY B 48 -8.67 1.14 17.75
N PRO B 49 -9.50 2.12 18.18
CA PRO B 49 -10.85 1.81 18.63
C PRO B 49 -11.76 1.50 17.44
N ARG B 50 -12.64 0.52 17.64
CA ARG B 50 -13.57 0.12 16.61
C ARG B 50 -12.81 -0.48 15.42
N PRO B 51 -12.70 -1.83 15.42
CA PRO B 51 -12.02 -2.53 14.36
C PRO B 51 -12.87 -2.57 13.09
N GLN B 52 -12.27 -3.13 12.03
CA GLN B 52 -12.96 -3.23 10.76
C GLN B 52 -14.38 -3.74 10.96
N THR B 53 -14.47 -4.92 11.56
CA THR B 53 -15.77 -5.53 11.81
C THR B 53 -16.56 -4.69 12.81
N SER B 54 -17.86 -4.59 12.55
CA SER B 54 -18.73 -3.82 13.41
C SER B 54 -20.18 -3.94 12.93
N LEU B 55 -20.38 -3.56 11.68
CA LEU B 55 -21.72 -3.62 11.09
C LEU B 55 -21.79 -4.81 10.14
N LEU B 56 -20.95 -4.77 9.11
CA LEU B 56 -20.91 -5.83 8.13
C LEU B 56 -22.29 -5.96 7.46
N ALA B 1 -10.23 29.73 21.01
CA ALA B 1 -9.15 28.96 20.41
C ALA B 1 -9.61 28.44 19.04
N THR B 2 -8.64 28.34 18.14
CA THR B 2 -8.92 27.85 16.80
C THR B 2 -7.74 27.02 16.27
N VAL B 3 -8.08 25.98 15.51
CA VAL B 3 -7.07 25.11 14.95
C VAL B 3 -7.52 24.64 13.57
N VAL B 4 -6.65 24.85 12.59
CA VAL B 4 -6.95 24.44 11.23
C VAL B 4 -5.69 24.54 10.37
N SER B 5 -5.33 23.41 9.77
CA SER B 5 -4.14 23.36 8.93
C SER B 5 -4.00 21.96 8.32
N GLY B 6 -3.54 21.94 7.08
CA GLY B 6 -3.37 20.68 6.37
C GLY B 6 -2.73 20.92 5.00
N GLN B 7 -3.10 20.06 4.06
CA GLN B 7 -2.58 20.17 2.70
C GLN B 7 -3.37 19.25 1.76
N LYS B 8 -3.48 19.69 0.52
CA LYS B 8 -4.21 18.93 -0.48
C LYS B 8 -3.27 17.90 -1.11
N GLN B 9 -2.24 18.40 -1.77
CA GLN B 9 -1.27 17.53 -2.42
C GLN B 9 -1.98 16.41 -3.17
N ASP B 10 -2.46 16.75 -4.36
CA ASP B 10 -3.17 15.78 -5.18
C ASP B 10 -2.45 15.66 -6.53
N ARG B 11 -1.49 14.76 -6.58
CA ARG B 11 -0.73 14.54 -7.79
C ARG B 11 0.06 13.22 -7.69
N GLN B 12 -0.11 12.39 -8.71
CA GLN B 12 0.57 11.11 -8.74
C GLN B 12 0.41 10.45 -10.11
N GLY B 13 1.52 9.95 -10.63
CA GLY B 13 1.51 9.30 -11.93
C GLY B 13 1.04 7.85 -11.81
N GLY B 14 1.28 7.09 -12.87
CA GLY B 14 0.90 5.69 -12.90
C GLY B 14 0.63 5.23 -14.34
N GLU B 15 0.27 3.96 -14.45
CA GLU B 15 -0.02 3.39 -15.76
C GLU B 15 1.18 3.56 -16.70
N ARG B 16 2.30 3.02 -16.26
CA ARG B 16 3.53 3.11 -17.05
C ARG B 16 4.66 2.37 -16.34
N ARG B 17 4.92 2.79 -15.10
CA ARG B 17 5.98 2.18 -14.31
C ARG B 17 6.05 2.84 -12.93
N ARG B 18 4.88 3.00 -12.33
CA ARG B 18 4.80 3.62 -11.01
C ARG B 18 5.75 4.81 -10.92
N SER B 19 5.65 5.68 -11.91
CA SER B 19 6.50 6.87 -11.96
C SER B 19 7.96 6.45 -12.09
N GLN B 20 8.53 6.05 -10.97
CA GLN B 20 9.92 5.64 -10.94
C GLN B 20 10.23 4.88 -9.64
N LEU B 21 9.22 4.15 -9.17
CA LEU B 21 9.37 3.39 -7.94
C LEU B 21 10.74 2.73 -7.92
N ASP B 22 11.65 3.35 -7.18
CA ASP B 22 13.00 2.84 -7.07
C ASP B 22 13.01 1.64 -6.11
N ARG B 23 14.01 0.79 -6.28
CA ARG B 23 14.15 -0.39 -5.45
C ARG B 23 14.43 0.03 -3.99
N ASP B 24 14.66 1.32 -3.82
CA ASP B 24 14.94 1.86 -2.49
C ASP B 24 14.02 3.06 -2.22
N GLN B 25 12.82 2.98 -2.79
CA GLN B 25 11.86 4.05 -2.63
C GLN B 25 10.63 3.54 -1.86
N CYS B 26 9.66 4.42 -1.70
CA CYS B 26 8.44 4.06 -1.00
C CYS B 26 7.28 4.07 -2.00
N ALA B 27 6.41 3.08 -1.86
CA ALA B 27 5.27 2.95 -2.74
C ALA B 27 4.01 3.44 -2.02
N TYR B 28 4.23 4.35 -1.08
CA TYR B 28 3.13 4.90 -0.31
C TYR B 28 3.17 6.44 -0.33
N CYS B 29 4.21 6.98 0.28
CA CYS B 29 4.37 8.43 0.34
C CYS B 29 5.28 8.85 -0.81
N LYS B 30 5.98 7.87 -1.36
CA LYS B 30 6.90 8.13 -2.47
C LYS B 30 8.24 8.61 -1.91
N GLU B 31 8.45 8.31 -0.64
CA GLU B 31 9.69 8.68 0.03
C GLU B 31 10.85 7.82 -0.47
N LYS B 32 12.05 8.39 -0.40
CA LYS B 32 13.24 7.68 -0.83
C LYS B 32 14.10 7.32 0.39
N GLY B 33 14.24 6.02 0.60
CA GLY B 33 15.03 5.53 1.72
C GLY B 33 14.35 4.36 2.41
N HIS B 34 13.05 4.52 2.65
CA HIS B 34 12.27 3.49 3.29
C HIS B 34 11.28 2.88 2.28
N TRP B 35 10.67 1.77 2.69
CA TRP B 35 9.71 1.09 1.83
C TRP B 35 8.32 1.35 2.39
N ALA B 36 7.32 1.06 1.57
CA ALA B 36 5.94 1.25 1.97
C ALA B 36 5.66 0.44 3.24
N LYS B 37 6.18 -0.78 3.25
CA LYS B 37 6.00 -1.66 4.39
C LYS B 37 6.73 -1.07 5.60
N ASP B 38 7.55 -0.06 5.33
CA ASP B 38 8.31 0.59 6.38
C ASP B 38 8.05 2.09 6.34
N CYS B 39 6.91 2.45 5.76
CA CYS B 39 6.53 3.85 5.65
C CYS B 39 6.14 4.36 7.04
N PRO B 40 6.73 5.52 7.42
CA PRO B 40 6.45 6.12 8.71
C PRO B 40 5.06 6.77 8.72
N LYS B 41 4.38 6.66 7.58
CA LYS B 41 3.05 7.24 7.45
C LYS B 41 2.02 6.25 7.99
N LYS B 42 2.42 4.98 8.03
CA LYS B 42 1.54 3.94 8.51
C LYS B 42 0.85 4.40 9.80
N PRO B 43 -0.45 4.78 9.64
CA PRO B 43 -1.23 5.24 10.78
C PRO B 43 -1.64 4.07 11.68
N ARG B 44 -0.68 3.62 12.47
CA ARG B 44 -0.93 2.52 13.38
C ARG B 44 -0.11 2.69 14.66
N GLY B 45 -0.65 3.50 15.57
CA GLY B 45 0.02 3.76 16.83
C GLY B 45 -0.11 5.23 17.22
N PRO B 46 0.42 5.56 18.43
CA PRO B 46 1.05 4.54 19.27
C PRO B 46 0.00 3.65 19.92
N ARG B 47 0.19 2.34 19.75
CA ARG B 47 -0.72 1.36 20.32
C ARG B 47 -2.10 1.50 19.68
N GLY B 48 -2.79 0.37 19.57
CA GLY B 48 -4.12 0.36 18.99
C GLY B 48 -5.19 0.23 20.08
N PRO B 49 -6.47 0.29 19.62
CA PRO B 49 -7.59 0.18 20.54
C PRO B 49 -7.79 -1.26 21.00
N ARG B 50 -8.35 -1.40 22.19
CA ARG B 50 -8.61 -2.71 22.76
C ARG B 50 -10.10 -2.91 23.01
N PRO B 51 -10.54 -4.19 22.89
CA PRO B 51 -11.94 -4.52 23.10
C PRO B 51 -12.29 -4.51 24.59
N GLN B 52 -13.59 -4.55 24.86
CA GLN B 52 -14.07 -4.54 26.23
C GLN B 52 -13.71 -3.21 26.91
N THR B 53 -14.74 -2.43 27.19
CA THR B 53 -14.54 -1.14 27.83
C THR B 53 -13.94 -1.32 29.21
N SER B 54 -13.04 -0.41 29.55
CA SER B 54 -12.37 -0.47 30.85
C SER B 54 -13.41 -0.58 31.97
N LEU B 55 -13.47 -1.77 32.55
CA LEU B 55 -14.42 -2.03 33.63
C LEU B 55 -13.66 -2.08 34.96
N LEU B 56 -12.80 -3.08 35.07
CA LEU B 56 -12.01 -3.25 36.28
C LEU B 56 -11.35 -1.92 36.64
N ALA B 1 -44.14 -11.72 -16.30
CA ALA B 1 -42.76 -11.58 -16.75
C ALA B 1 -41.94 -10.86 -15.67
N THR B 2 -41.42 -11.66 -14.74
CA THR B 2 -40.63 -11.11 -13.65
C THR B 2 -39.15 -11.02 -14.06
N VAL B 3 -38.52 -9.94 -13.64
CA VAL B 3 -37.12 -9.71 -13.97
C VAL B 3 -36.26 -10.66 -13.12
N VAL B 4 -35.15 -11.08 -13.70
CA VAL B 4 -34.24 -11.98 -13.02
C VAL B 4 -32.89 -11.97 -13.74
N SER B 5 -32.27 -10.80 -13.74
CA SER B 5 -30.97 -10.64 -14.39
C SER B 5 -30.29 -9.38 -13.87
N GLY B 6 -29.02 -9.24 -14.24
CA GLY B 6 -28.24 -8.09 -13.83
C GLY B 6 -27.18 -7.74 -14.87
N GLN B 7 -26.41 -6.71 -14.57
CA GLN B 7 -25.36 -6.26 -15.47
C GLN B 7 -24.26 -5.53 -14.69
N LYS B 8 -23.05 -6.02 -14.85
CA LYS B 8 -21.91 -5.42 -14.17
C LYS B 8 -20.69 -5.46 -15.10
N GLN B 9 -20.19 -4.27 -15.41
CA GLN B 9 -19.03 -4.15 -16.28
C GLN B 9 -17.99 -3.24 -15.65
N ASP B 10 -16.74 -3.42 -16.10
CA ASP B 10 -15.65 -2.63 -15.58
C ASP B 10 -15.06 -1.77 -16.71
N ARG B 11 -14.29 -0.77 -16.32
CA ARG B 11 -13.67 0.11 -17.29
C ARG B 11 -12.17 0.22 -17.03
N GLN B 12 -11.42 0.49 -18.10
CA GLN B 12 -9.98 0.61 -17.99
C GLN B 12 -9.59 2.08 -17.82
N GLY B 13 -8.86 2.34 -16.74
CA GLY B 13 -8.41 3.68 -16.45
C GLY B 13 -7.10 4.01 -17.17
N GLY B 14 -6.00 3.76 -16.48
CA GLY B 14 -4.69 4.01 -17.04
C GLY B 14 -3.59 3.75 -16.01
N GLU B 15 -3.03 2.56 -16.07
CA GLU B 15 -1.97 2.18 -15.16
C GLU B 15 -0.85 1.44 -15.91
N ARG B 16 0.37 1.68 -15.46
CA ARG B 16 1.53 1.04 -16.07
C ARG B 16 2.82 1.50 -15.38
N ARG B 17 2.99 2.81 -15.33
CA ARG B 17 4.16 3.39 -14.69
C ARG B 17 3.95 3.52 -13.18
N ARG B 18 4.94 3.09 -12.43
CA ARG B 18 4.87 3.15 -10.98
C ARG B 18 5.76 4.28 -10.45
N SER B 19 5.63 5.44 -11.08
CA SER B 19 6.42 6.60 -10.69
C SER B 19 7.88 6.19 -10.47
N GLN B 20 8.42 5.49 -11.46
CA GLN B 20 9.80 5.04 -11.40
C GLN B 20 10.10 4.47 -10.00
N LEU B 21 9.18 3.63 -9.53
CA LEU B 21 9.33 3.01 -8.23
C LEU B 21 10.74 2.41 -8.12
N ASP B 22 11.59 3.09 -7.38
CA ASP B 22 12.96 2.64 -7.18
C ASP B 22 12.98 1.54 -6.11
N ARG B 23 14.07 0.79 -6.11
CA ARG B 23 14.22 -0.29 -5.14
C ARG B 23 14.35 0.28 -3.73
N ASP B 24 14.43 1.60 -3.66
CA ASP B 24 14.56 2.28 -2.38
C ASP B 24 13.58 3.46 -2.34
N GLN B 25 12.49 3.32 -3.08
CA GLN B 25 11.48 4.35 -3.12
C GLN B 25 10.16 3.84 -2.55
N CYS B 26 9.71 4.49 -1.50
CA CYS B 26 8.46 4.11 -0.85
C CYS B 26 7.37 4.07 -1.92
N ALA B 27 6.46 3.10 -1.74
CA ALA B 27 5.37 2.93 -2.69
C ALA B 27 4.07 3.46 -2.05
N TYR B 28 4.25 4.36 -1.10
CA TYR B 28 3.12 4.95 -0.40
C TYR B 28 3.20 6.48 -0.41
N CYS B 29 4.22 6.98 0.27
CA CYS B 29 4.43 8.42 0.35
C CYS B 29 5.30 8.85 -0.84
N LYS B 30 6.11 7.92 -1.31
CA LYS B 30 7.00 8.18 -2.43
C LYS B 30 8.31 8.76 -1.90
N GLU B 31 8.64 8.39 -0.67
CA GLU B 31 9.86 8.86 -0.05
C GLU B 31 10.97 7.82 -0.20
N LYS B 32 12.06 8.26 -0.81
CA LYS B 32 13.20 7.37 -1.01
C LYS B 32 13.98 7.24 0.29
N GLY B 33 14.21 6.00 0.69
CA GLY B 33 14.94 5.72 1.91
C GLY B 33 14.35 4.52 2.65
N HIS B 34 13.03 4.49 2.69
CA HIS B 34 12.33 3.40 3.36
C HIS B 34 11.40 2.70 2.37
N TRP B 35 10.77 1.63 2.84
CA TRP B 35 9.87 0.86 2.00
C TRP B 35 8.44 1.15 2.47
N ALA B 36 7.50 0.80 1.61
CA ALA B 36 6.09 1.01 1.92
C ALA B 36 5.74 0.27 3.21
N LYS B 37 6.29 -0.92 3.34
CA LYS B 37 6.04 -1.74 4.52
C LYS B 37 6.71 -1.08 5.73
N ASP B 38 7.48 -0.05 5.45
CA ASP B 38 8.17 0.67 6.51
C ASP B 38 7.88 2.16 6.39
N CYS B 39 6.75 2.47 5.75
CA CYS B 39 6.34 3.84 5.55
C CYS B 39 6.02 4.44 6.92
N PRO B 40 6.70 5.57 7.23
CA PRO B 40 6.49 6.25 8.51
C PRO B 40 5.17 7.02 8.50
N LYS B 41 4.47 6.93 7.38
CA LYS B 41 3.19 7.61 7.23
C LYS B 41 2.07 6.67 7.69
N LYS B 42 2.38 5.38 7.71
CA LYS B 42 1.41 4.39 8.12
C LYS B 42 0.87 4.75 9.51
N PRO B 43 -0.43 5.20 9.51
CA PRO B 43 -1.07 5.59 10.76
C PRO B 43 -1.46 4.36 11.58
N ARG B 44 -2.35 3.56 11.01
CA ARG B 44 -2.81 2.36 11.69
C ARG B 44 -3.83 1.62 10.82
N GLY B 45 -3.93 0.33 11.05
CA GLY B 45 -4.86 -0.50 10.30
C GLY B 45 -4.47 -0.57 8.82
N PRO B 46 -5.31 -1.30 8.04
CA PRO B 46 -6.47 -1.96 8.59
C PRO B 46 -6.06 -3.21 9.39
N ARG B 47 -7.02 -3.73 10.15
CA ARG B 47 -6.78 -4.90 10.96
C ARG B 47 -6.77 -6.15 10.09
N GLY B 48 -5.73 -6.96 10.25
CA GLY B 48 -5.59 -8.17 9.48
C GLY B 48 -6.08 -9.39 10.28
N PRO B 49 -6.46 -10.45 9.54
CA PRO B 49 -6.94 -11.67 10.17
C PRO B 49 -5.79 -12.47 10.79
N ARG B 50 -6.17 -13.44 11.61
CA ARG B 50 -5.17 -14.28 12.28
C ARG B 50 -5.64 -15.72 12.29
N PRO B 51 -4.66 -16.65 12.09
CA PRO B 51 -4.95 -18.07 12.08
C PRO B 51 -5.19 -18.60 13.50
N GLN B 52 -6.15 -17.97 14.17
CA GLN B 52 -6.48 -18.36 15.52
C GLN B 52 -7.91 -17.92 15.86
N THR B 53 -8.85 -18.82 15.58
CA THR B 53 -10.25 -18.55 15.85
C THR B 53 -10.60 -18.94 17.28
N SER B 54 -10.37 -20.20 17.59
CA SER B 54 -10.67 -20.72 18.92
C SER B 54 -9.89 -22.02 19.16
N LEU B 55 -9.84 -22.41 20.42
CA LEU B 55 -9.14 -23.63 20.79
C LEU B 55 -10.07 -24.51 21.64
N LEU B 56 -10.59 -25.55 21.02
CA LEU B 56 -11.48 -26.47 21.70
C LEU B 56 -10.75 -27.79 21.97
N ALA B 1 4.12 -27.57 23.83
CA ALA B 1 2.69 -27.46 23.58
C ALA B 1 2.36 -26.04 23.10
N THR B 2 2.85 -25.72 21.91
CA THR B 2 2.62 -24.40 21.34
C THR B 2 1.35 -24.41 20.49
N VAL B 3 0.29 -23.86 21.07
CA VAL B 3 -0.99 -23.79 20.38
C VAL B 3 -0.79 -23.15 19.00
N VAL B 4 -1.53 -23.67 18.04
CA VAL B 4 -1.45 -23.16 16.68
C VAL B 4 -2.45 -22.02 16.50
N SER B 5 -2.06 -21.04 15.69
CA SER B 5 -2.91 -19.90 15.43
C SER B 5 -3.18 -19.78 13.92
N GLY B 6 -4.20 -19.00 13.60
CA GLY B 6 -4.57 -18.79 12.21
C GLY B 6 -4.60 -17.30 11.86
N GLN B 7 -5.33 -16.98 10.80
CA GLN B 7 -5.46 -15.61 10.37
C GLN B 7 -6.43 -15.51 9.20
N LYS B 8 -6.90 -14.29 8.96
CA LYS B 8 -7.84 -14.05 7.88
C LYS B 8 -7.93 -12.54 7.61
N GLN B 9 -6.96 -12.06 6.84
CA GLN B 9 -6.92 -10.64 6.51
C GLN B 9 -7.01 -10.45 4.99
N ASP B 10 -7.83 -9.49 4.60
CA ASP B 10 -8.02 -9.20 3.18
C ASP B 10 -6.77 -8.50 2.64
N ARG B 11 -6.64 -8.53 1.32
CA ARG B 11 -5.51 -7.91 0.67
C ARG B 11 -5.94 -6.62 -0.03
N GLN B 12 -5.52 -5.50 0.55
CA GLN B 12 -5.85 -4.20 0.00
C GLN B 12 -5.13 -3.99 -1.33
N GLY B 13 -5.69 -3.08 -2.12
CA GLY B 13 -5.11 -2.78 -3.42
C GLY B 13 -5.05 -1.27 -3.65
N GLY B 14 -4.43 -0.89 -4.76
CA GLY B 14 -4.29 0.50 -5.11
C GLY B 14 -4.25 0.69 -6.62
N GLU B 15 -4.34 1.95 -7.04
CA GLU B 15 -4.32 2.28 -8.45
C GLU B 15 -3.01 1.81 -9.07
N ARG B 16 -3.06 1.57 -10.38
CA ARG B 16 -1.89 1.12 -11.11
C ARG B 16 -1.13 2.32 -11.70
N ARG B 17 -0.03 2.66 -11.06
CA ARG B 17 0.78 3.78 -11.51
C ARG B 17 2.02 3.92 -10.62
N ARG B 18 2.93 2.97 -10.78
CA ARG B 18 4.17 2.99 -10.01
C ARG B 18 5.24 3.82 -10.73
N SER B 19 4.89 5.07 -10.99
CA SER B 19 5.81 5.97 -11.66
C SER B 19 7.24 5.76 -11.14
N GLN B 20 8.10 5.31 -12.04
CA GLN B 20 9.48 5.07 -11.69
C GLN B 20 9.60 4.74 -10.20
N LEU B 21 8.85 3.73 -9.78
CA LEU B 21 8.87 3.31 -8.39
C LEU B 21 10.18 2.61 -8.09
N ASP B 22 11.18 3.43 -7.74
CA ASP B 22 12.50 2.90 -7.42
C ASP B 22 12.35 1.72 -6.46
N ARG B 23 13.27 0.78 -6.58
CA ARG B 23 13.26 -0.39 -5.73
C ARG B 23 13.64 -0.02 -4.29
N ASP B 24 13.97 1.25 -4.12
CA ASP B 24 14.37 1.75 -2.82
C ASP B 24 13.56 3.02 -2.50
N GLN B 25 12.47 3.19 -3.24
CA GLN B 25 11.62 4.35 -3.05
C GLN B 25 10.23 3.91 -2.60
N CYS B 26 9.81 4.43 -1.46
CA CYS B 26 8.51 4.11 -0.90
C CYS B 26 7.47 4.21 -2.03
N ALA B 27 6.38 3.48 -1.87
CA ALA B 27 5.32 3.48 -2.85
C ALA B 27 4.08 4.15 -2.26
N TYR B 28 4.06 4.23 -0.94
CA TYR B 28 2.95 4.84 -0.23
C TYR B 28 3.03 6.37 -0.29
N CYS B 29 4.14 6.89 0.23
CA CYS B 29 4.35 8.32 0.23
C CYS B 29 5.22 8.69 -0.97
N LYS B 30 6.16 7.81 -1.27
CA LYS B 30 7.06 8.03 -2.40
C LYS B 30 8.37 8.62 -1.88
N GLU B 31 8.69 8.30 -0.64
CA GLU B 31 9.91 8.78 -0.02
C GLU B 31 11.03 7.77 -0.20
N LYS B 32 12.11 8.22 -0.83
CA LYS B 32 13.26 7.37 -1.08
C LYS B 32 14.02 7.17 0.24
N GLY B 33 14.21 5.91 0.59
CA GLY B 33 14.92 5.57 1.82
C GLY B 33 14.25 4.40 2.53
N HIS B 34 12.96 4.56 2.80
CA HIS B 34 12.21 3.52 3.49
C HIS B 34 11.26 2.85 2.49
N TRP B 35 10.84 1.65 2.84
CA TRP B 35 9.94 0.89 2.00
C TRP B 35 8.50 1.15 2.48
N ALA B 36 7.55 0.77 1.64
CA ALA B 36 6.15 0.95 1.97
C ALA B 36 5.83 0.21 3.26
N LYS B 37 6.43 -0.96 3.41
CA LYS B 37 6.22 -1.78 4.59
C LYS B 37 6.83 -1.07 5.80
N ASP B 38 7.58 -0.01 5.52
CA ASP B 38 8.22 0.76 6.57
C ASP B 38 7.82 2.22 6.43
N CYS B 39 6.69 2.45 5.78
CA CYS B 39 6.19 3.79 5.58
C CYS B 39 5.66 4.32 6.91
N PRO B 40 6.13 5.55 7.26
CA PRO B 40 5.71 6.18 8.50
C PRO B 40 4.28 6.71 8.39
N LYS B 41 3.69 6.50 7.23
CA LYS B 41 2.33 6.94 6.99
C LYS B 41 1.36 5.83 7.36
N LYS B 42 1.88 4.62 7.38
CA LYS B 42 1.08 3.45 7.71
C LYS B 42 0.17 3.79 8.90
N PRO B 43 -1.13 4.05 8.58
CA PRO B 43 -2.09 4.39 9.61
C PRO B 43 -2.51 3.14 10.39
N ARG B 44 -2.89 2.11 9.66
CA ARG B 44 -3.31 0.86 10.27
C ARG B 44 -4.54 1.09 11.15
N GLY B 45 -5.44 0.13 11.10
CA GLY B 45 -6.67 0.21 11.87
C GLY B 45 -6.37 0.55 13.34
N PRO B 46 -7.46 0.68 14.14
CA PRO B 46 -8.81 0.52 13.59
C PRO B 46 -9.21 1.73 12.77
N ARG B 47 -10.41 1.66 12.21
CA ARG B 47 -10.93 2.74 11.39
C ARG B 47 -10.19 2.80 10.06
N GLY B 48 -10.86 3.34 9.06
CA GLY B 48 -10.28 3.46 7.74
C GLY B 48 -11.12 2.73 6.69
N PRO B 49 -12.21 3.42 6.25
CA PRO B 49 -13.10 2.85 5.26
C PRO B 49 -12.47 2.89 3.86
N ARG B 50 -13.29 2.59 2.87
CA ARG B 50 -12.83 2.60 1.49
C ARG B 50 -13.89 3.20 0.57
N PRO B 51 -13.90 4.56 0.51
CA PRO B 51 -14.86 5.26 -0.33
C PRO B 51 -14.48 5.16 -1.81
N GLN B 52 -15.29 5.79 -2.64
CA GLN B 52 -15.05 5.78 -4.07
C GLN B 52 -15.12 4.34 -4.61
N THR B 53 -16.28 3.74 -4.46
CA THR B 53 -16.48 2.38 -4.92
C THR B 53 -15.58 1.41 -4.15
N SER B 54 -14.30 1.41 -4.54
CA SER B 54 -13.33 0.55 -3.90
C SER B 54 -11.93 0.87 -4.42
N LEU B 55 -11.77 0.72 -5.72
CA LEU B 55 -10.49 0.99 -6.35
C LEU B 55 -10.73 1.68 -7.70
N LEU B 56 -10.67 3.01 -7.66
CA LEU B 56 -10.87 3.79 -8.87
C LEU B 56 -9.53 4.34 -9.35
N ALA B 1 -32.58 0.40 21.06
CA ALA B 1 -33.02 0.87 19.76
C ALA B 1 -31.85 1.58 19.07
N THR B 2 -31.47 1.04 17.92
CA THR B 2 -30.39 1.62 17.15
C THR B 2 -30.93 2.47 16.00
N VAL B 3 -30.19 3.52 15.68
CA VAL B 3 -30.59 4.43 14.62
C VAL B 3 -29.43 4.59 13.65
N VAL B 4 -29.05 3.48 13.02
CA VAL B 4 -27.96 3.50 12.06
C VAL B 4 -28.52 3.34 10.64
N SER B 5 -27.92 4.08 9.72
CA SER B 5 -28.35 4.04 8.33
C SER B 5 -27.22 4.50 7.42
N GLY B 6 -27.17 3.90 6.23
CA GLY B 6 -26.15 4.25 5.26
C GLY B 6 -25.44 3.00 4.74
N GLN B 7 -25.42 2.88 3.42
CA GLN B 7 -24.79 1.73 2.79
C GLN B 7 -24.94 1.83 1.27
N LYS B 8 -23.87 2.30 0.63
CA LYS B 8 -23.87 2.45 -0.82
C LYS B 8 -22.84 1.49 -1.42
N GLN B 9 -22.95 1.30 -2.72
CA GLN B 9 -22.05 0.41 -3.43
C GLN B 9 -21.58 1.06 -4.74
N ASP B 10 -20.42 0.62 -5.20
CA ASP B 10 -19.86 1.14 -6.43
C ASP B 10 -18.83 0.15 -6.98
N ARG B 11 -18.48 0.34 -8.24
CA ARG B 11 -17.52 -0.53 -8.90
C ARG B 11 -16.30 0.29 -9.35
N GLN B 12 -15.13 -0.19 -8.95
CA GLN B 12 -13.90 0.48 -9.31
C GLN B 12 -12.77 -0.54 -9.48
N GLY B 13 -12.14 -0.49 -10.66
CA GLY B 13 -11.06 -1.40 -10.97
C GLY B 13 -9.75 -0.92 -10.34
N GLY B 14 -8.94 -1.89 -9.94
CA GLY B 14 -7.65 -1.58 -9.32
C GLY B 14 -6.59 -1.30 -10.39
N GLU B 15 -5.97 -0.14 -10.26
CA GLU B 15 -4.93 0.26 -11.20
C GLU B 15 -3.55 -0.04 -10.62
N ARG B 16 -2.63 -0.42 -11.50
CA ARG B 16 -1.28 -0.73 -11.09
C ARG B 16 -0.28 0.17 -11.82
N ARG B 17 0.74 0.59 -11.09
CA ARG B 17 1.76 1.46 -11.66
C ARG B 17 2.94 1.58 -10.70
N ARG B 18 4.11 1.81 -11.28
CA ARG B 18 5.32 1.95 -10.49
C ARG B 18 6.12 3.17 -10.95
N SER B 19 5.42 4.28 -11.08
CA SER B 19 6.04 5.53 -11.51
C SER B 19 7.32 5.78 -10.71
N GLN B 20 8.43 5.83 -11.42
CA GLN B 20 9.72 6.06 -10.79
C GLN B 20 9.80 5.32 -9.45
N LEU B 21 9.38 4.06 -9.48
CA LEU B 21 9.40 3.23 -8.28
C LEU B 21 10.79 2.64 -8.10
N ASP B 22 11.61 3.33 -7.30
CA ASP B 22 12.96 2.87 -7.04
C ASP B 22 12.91 1.64 -6.13
N ARG B 23 13.90 0.78 -6.31
CA ARG B 23 13.97 -0.44 -5.53
C ARG B 23 14.23 -0.10 -4.05
N ASP B 24 14.52 1.17 -3.82
CA ASP B 24 14.78 1.65 -2.46
C ASP B 24 13.89 2.85 -2.17
N GLN B 25 12.74 2.87 -2.81
CA GLN B 25 11.79 3.95 -2.63
C GLN B 25 10.57 3.48 -1.85
N CYS B 26 9.62 4.38 -1.67
CA CYS B 26 8.40 4.06 -0.95
C CYS B 26 7.22 4.19 -1.92
N ALA B 27 6.45 3.12 -2.00
CA ALA B 27 5.28 3.10 -2.88
C ALA B 27 4.04 3.53 -2.10
N TYR B 28 4.27 4.43 -1.14
CA TYR B 28 3.18 4.93 -0.31
C TYR B 28 3.19 6.46 -0.26
N CYS B 29 4.27 6.99 0.30
CA CYS B 29 4.41 8.43 0.43
C CYS B 29 5.30 8.91 -0.72
N LYS B 30 5.90 7.96 -1.41
CA LYS B 30 6.76 8.29 -2.54
C LYS B 30 8.12 8.76 -2.00
N GLU B 31 8.41 8.37 -0.78
CA GLU B 31 9.67 8.74 -0.14
C GLU B 31 10.79 7.82 -0.62
N LYS B 32 12.01 8.33 -0.51
CA LYS B 32 13.17 7.56 -0.91
C LYS B 32 14.06 7.28 0.31
N GLY B 33 14.26 6.01 0.58
CA GLY B 33 15.07 5.59 1.71
C GLY B 33 14.42 4.42 2.45
N HIS B 34 13.12 4.53 2.64
CA HIS B 34 12.36 3.51 3.33
C HIS B 34 11.37 2.85 2.36
N TRP B 35 10.87 1.70 2.78
CA TRP B 35 9.91 0.96 1.96
C TRP B 35 8.52 1.26 2.49
N ALA B 36 7.54 1.06 1.62
CA ALA B 36 6.15 1.30 1.98
C ALA B 36 5.78 0.42 3.18
N LYS B 37 6.33 -0.79 3.18
CA LYS B 37 6.07 -1.73 4.26
C LYS B 37 6.63 -1.17 5.56
N ASP B 38 7.42 -0.12 5.43
CA ASP B 38 8.03 0.50 6.59
C ASP B 38 7.84 2.02 6.49
N CYS B 39 6.73 2.41 5.88
CA CYS B 39 6.42 3.82 5.71
C CYS B 39 6.08 4.40 7.10
N PRO B 40 6.71 5.57 7.39
CA PRO B 40 6.47 6.24 8.67
C PRO B 40 5.11 6.92 8.69
N LYS B 41 4.38 6.76 7.59
CA LYS B 41 3.06 7.36 7.48
C LYS B 41 2.00 6.25 7.58
N LYS B 42 2.45 5.02 7.41
CA LYS B 42 1.56 3.88 7.47
C LYS B 42 1.76 3.16 8.82
N PRO B 43 0.65 2.55 9.31
CA PRO B 43 0.69 1.83 10.58
C PRO B 43 1.40 0.48 10.41
N ARG B 44 2.62 0.43 10.94
CA ARG B 44 3.40 -0.79 10.86
C ARG B 44 2.59 -1.99 11.34
N GLY B 45 1.92 -2.63 10.39
CA GLY B 45 1.10 -3.79 10.70
C GLY B 45 0.55 -4.43 9.42
N PRO B 46 -0.26 -5.51 9.63
CA PRO B 46 -0.56 -5.98 10.97
C PRO B 46 0.63 -6.72 11.57
N ARG B 47 0.92 -7.86 10.98
CA ARG B 47 2.04 -8.69 11.44
C ARG B 47 2.13 -9.97 10.62
N GLY B 48 2.93 -9.91 9.56
CA GLY B 48 3.11 -11.05 8.69
C GLY B 48 2.48 -10.80 7.32
N PRO B 49 2.61 -11.82 6.43
CA PRO B 49 2.05 -11.73 5.09
C PRO B 49 0.53 -11.90 5.11
N ARG B 50 -0.06 -11.76 3.93
CA ARG B 50 -1.50 -11.89 3.80
C ARG B 50 -1.91 -13.36 3.87
N PRO B 51 -3.14 -13.59 4.42
CA PRO B 51 -3.65 -14.94 4.55
C PRO B 51 -4.12 -15.49 3.19
N GLN B 52 -5.00 -14.73 2.57
CA GLN B 52 -5.53 -15.13 1.26
C GLN B 52 -5.78 -13.89 0.40
N THR B 53 -5.55 -14.06 -0.90
CA THR B 53 -5.74 -12.98 -1.84
C THR B 53 -7.22 -12.67 -2.00
N SER B 54 -7.63 -11.55 -1.41
CA SER B 54 -9.02 -11.13 -1.48
C SER B 54 -9.11 -9.72 -2.06
N LEU B 55 -9.97 -9.57 -3.05
CA LEU B 55 -10.17 -8.29 -3.71
C LEU B 55 -11.54 -7.74 -3.34
N LEU B 56 -11.66 -7.34 -2.08
CA LEU B 56 -12.92 -6.80 -1.58
C LEU B 56 -14.09 -7.60 -2.15
N ALA B 1 -4.49 1.70 28.38
CA ALA B 1 -5.24 2.60 27.52
C ALA B 1 -6.18 1.78 26.63
N THR B 2 -7.37 2.31 26.42
CA THR B 2 -8.36 1.65 25.60
C THR B 2 -8.32 2.19 24.18
N VAL B 3 -8.55 1.30 23.22
CA VAL B 3 -8.54 1.67 21.82
C VAL B 3 -9.02 0.48 20.98
N VAL B 4 -9.81 0.80 19.96
CA VAL B 4 -10.34 -0.22 19.07
C VAL B 4 -10.91 0.44 17.82
N SER B 5 -10.72 -0.24 16.70
CA SER B 5 -11.21 0.26 15.43
C SER B 5 -10.67 -0.59 14.29
N GLY B 6 -11.56 -0.94 13.36
CA GLY B 6 -11.19 -1.74 12.22
C GLY B 6 -12.09 -1.45 11.02
N GLN B 7 -11.48 -1.05 9.93
CA GLN B 7 -12.20 -0.74 8.72
C GLN B 7 -11.25 -0.66 7.52
N LYS B 8 -11.78 -1.06 6.37
CA LYS B 8 -10.99 -1.04 5.15
C LYS B 8 -11.90 -0.78 3.95
N GLN B 9 -11.41 0.00 3.02
CA GLN B 9 -12.16 0.33 1.82
C GLN B 9 -11.33 0.08 0.57
N ASP B 10 -11.54 -1.09 -0.01
CA ASP B 10 -10.82 -1.48 -1.21
C ASP B 10 -11.80 -1.97 -2.26
N ARG B 11 -11.61 -1.52 -3.49
CA ARG B 11 -12.46 -1.90 -4.59
C ARG B 11 -11.80 -1.57 -5.93
N GLN B 12 -11.55 -2.62 -6.70
CA GLN B 12 -10.92 -2.46 -8.00
C GLN B 12 -9.50 -1.94 -7.84
N GLY B 13 -8.55 -2.85 -7.97
CA GLY B 13 -7.15 -2.50 -7.85
C GLY B 13 -6.26 -3.45 -8.66
N GLY B 14 -5.48 -2.85 -9.55
CA GLY B 14 -4.59 -3.62 -10.40
C GLY B 14 -3.29 -2.85 -10.69
N GLU B 15 -2.88 -2.89 -11.94
CA GLU B 15 -1.67 -2.21 -12.35
C GLU B 15 -1.81 -0.70 -12.16
N ARG B 16 -0.72 -0.07 -11.73
CA ARG B 16 -0.72 1.36 -11.51
C ARG B 16 0.44 2.02 -12.26
N ARG B 17 0.44 3.34 -12.26
CA ARG B 17 1.48 4.10 -12.93
C ARG B 17 2.86 3.66 -12.42
N ARG B 18 3.03 3.75 -11.12
CA ARG B 18 4.28 3.38 -10.50
C ARG B 18 5.44 4.17 -11.10
N SER B 19 5.31 5.50 -11.02
CA SER B 19 6.34 6.38 -11.56
C SER B 19 7.73 5.81 -11.26
N GLN B 20 8.25 5.09 -12.24
CA GLN B 20 9.57 4.48 -12.09
C GLN B 20 9.82 4.10 -10.64
N LEU B 21 8.86 3.39 -10.08
CA LEU B 21 8.95 2.95 -8.69
C LEU B 21 10.38 2.46 -8.42
N ASP B 22 11.15 3.32 -7.75
CA ASP B 22 12.53 2.98 -7.43
C ASP B 22 12.55 1.83 -6.42
N ARG B 23 13.54 0.98 -6.56
CA ARG B 23 13.69 -0.17 -5.68
C ARG B 23 14.06 0.30 -4.27
N ASP B 24 14.29 1.59 -4.15
CA ASP B 24 14.66 2.17 -2.87
C ASP B 24 13.69 3.32 -2.53
N GLN B 25 12.53 3.27 -3.16
CA GLN B 25 11.51 4.29 -2.94
C GLN B 25 10.34 3.71 -2.15
N CYS B 26 9.40 4.58 -1.81
CA CYS B 26 8.22 4.16 -1.07
C CYS B 26 7.03 4.15 -2.02
N ALA B 27 6.26 3.09 -1.94
CA ALA B 27 5.08 2.94 -2.78
C ALA B 27 3.85 3.45 -2.04
N TYR B 28 4.10 4.37 -1.10
CA TYR B 28 3.03 4.94 -0.31
C TYR B 28 3.09 6.47 -0.33
N CYS B 29 4.18 6.99 0.23
CA CYS B 29 4.38 8.42 0.28
C CYS B 29 5.20 8.85 -0.94
N LYS B 30 6.08 7.95 -1.36
CA LYS B 30 6.93 8.21 -2.51
C LYS B 30 8.28 8.75 -2.03
N GLU B 31 8.62 8.37 -0.81
CA GLU B 31 9.88 8.81 -0.23
C GLU B 31 11.02 7.89 -0.66
N LYS B 32 12.24 8.30 -0.33
CA LYS B 32 13.42 7.52 -0.69
C LYS B 32 14.19 7.18 0.58
N GLY B 33 14.41 5.88 0.76
CA GLY B 33 15.13 5.41 1.92
C GLY B 33 14.39 4.26 2.61
N HIS B 34 13.11 4.50 2.87
CA HIS B 34 12.27 3.51 3.52
C HIS B 34 11.32 2.89 2.49
N TRP B 35 10.84 1.70 2.81
CA TRP B 35 9.92 1.00 1.93
C TRP B 35 8.50 1.23 2.45
N ALA B 36 7.53 0.91 1.61
CA ALA B 36 6.14 1.07 1.97
C ALA B 36 5.84 0.26 3.24
N LYS B 37 6.45 -0.92 3.30
CA LYS B 37 6.26 -1.79 4.44
C LYS B 37 6.85 -1.14 5.69
N ASP B 38 7.59 -0.05 5.45
CA ASP B 38 8.21 0.67 6.54
C ASP B 38 7.92 2.16 6.39
N CYS B 39 6.77 2.45 5.80
CA CYS B 39 6.35 3.83 5.58
C CYS B 39 5.93 4.42 6.94
N PRO B 40 6.58 5.56 7.30
CA PRO B 40 6.27 6.23 8.55
C PRO B 40 4.95 6.98 8.46
N LYS B 41 4.32 6.88 7.29
CA LYS B 41 3.05 7.54 7.06
C LYS B 41 1.91 6.55 7.30
N LYS B 42 2.27 5.28 7.25
CA LYS B 42 1.29 4.22 7.46
C LYS B 42 1.43 3.66 8.87
N PRO B 43 0.30 3.11 9.39
CA PRO B 43 0.30 2.55 10.73
C PRO B 43 1.00 1.19 10.76
N ARG B 44 1.32 0.75 11.97
CA ARG B 44 2.00 -0.53 12.15
C ARG B 44 0.97 -1.63 12.44
N GLY B 45 0.46 -2.22 11.37
CA GLY B 45 -0.53 -3.28 11.50
C GLY B 45 -1.83 -2.75 12.12
N PRO B 46 -2.83 -3.67 12.21
CA PRO B 46 -2.65 -5.02 11.74
C PRO B 46 -2.67 -5.09 10.20
N ARG B 47 -2.45 -6.28 9.69
CA ARG B 47 -2.45 -6.49 8.26
C ARG B 47 -3.64 -7.36 7.84
N GLY B 48 -4.34 -6.89 6.81
CA GLY B 48 -5.50 -7.61 6.31
C GLY B 48 -5.07 -8.85 5.52
N PRO B 49 -5.92 -9.21 4.53
CA PRO B 49 -5.65 -10.37 3.69
C PRO B 49 -4.54 -10.07 2.68
N ARG B 50 -3.95 -11.13 2.16
CA ARG B 50 -2.88 -10.99 1.18
C ARG B 50 -3.45 -10.85 -0.23
N PRO B 51 -3.25 -9.65 -0.82
CA PRO B 51 -3.74 -9.37 -2.15
C PRO B 51 -2.88 -10.07 -3.22
N GLN B 52 -3.34 -9.99 -4.45
CA GLN B 52 -2.63 -10.61 -5.56
C GLN B 52 -3.21 -10.14 -6.89
N THR B 53 -2.37 -9.41 -7.62
CA THR B 53 -2.78 -8.89 -8.92
C THR B 53 -3.58 -9.95 -9.70
N SER B 54 -4.44 -9.47 -10.56
CA SER B 54 -5.27 -10.35 -11.37
C SER B 54 -5.02 -10.10 -12.86
N LEU B 55 -4.99 -11.18 -13.62
CA LEU B 55 -4.76 -11.09 -15.05
C LEU B 55 -3.27 -10.87 -15.31
N LEU B 56 -2.81 -11.40 -16.44
CA LEU B 56 -1.41 -11.28 -16.80
C LEU B 56 -1.24 -11.68 -18.27
N ALA B 1 -2.01 -29.30 11.38
CA ALA B 1 -2.12 -27.88 11.63
C ALA B 1 -2.84 -27.21 10.46
N THR B 2 -4.18 -27.28 10.52
CA THR B 2 -5.00 -26.69 9.48
C THR B 2 -4.58 -25.24 9.23
N VAL B 3 -4.84 -24.79 8.01
CA VAL B 3 -4.50 -23.43 7.62
C VAL B 3 -5.69 -22.80 6.89
N VAL B 4 -5.90 -21.53 7.17
CA VAL B 4 -6.99 -20.79 6.55
C VAL B 4 -6.46 -19.46 6.02
N SER B 5 -6.97 -19.08 4.86
CA SER B 5 -6.57 -17.82 4.24
C SER B 5 -7.34 -17.61 2.93
N GLY B 6 -7.57 -16.34 2.61
CA GLY B 6 -8.29 -16.00 1.40
C GLY B 6 -9.40 -14.99 1.70
N GLN B 7 -9.83 -14.30 0.64
CA GLN B 7 -10.87 -13.31 0.77
C GLN B 7 -11.75 -13.29 -0.48
N LYS B 8 -13.00 -12.87 -0.29
CA LYS B 8 -13.93 -12.80 -1.39
C LYS B 8 -13.53 -11.67 -2.34
N GLN B 9 -14.19 -11.63 -3.49
CA GLN B 9 -13.91 -10.60 -4.47
C GLN B 9 -12.49 -10.75 -5.01
N ASP B 10 -12.30 -10.33 -6.25
CA ASP B 10 -10.99 -10.41 -6.87
C ASP B 10 -10.41 -8.99 -7.01
N ARG B 11 -9.10 -8.95 -7.21
CA ARG B 11 -8.41 -7.68 -7.35
C ARG B 11 -8.21 -7.36 -8.84
N GLN B 12 -8.68 -6.19 -9.23
CA GLN B 12 -8.55 -5.75 -10.61
C GLN B 12 -7.75 -4.45 -10.68
N GLY B 13 -6.46 -4.56 -10.44
CA GLY B 13 -5.58 -3.41 -10.48
C GLY B 13 -4.29 -3.73 -11.22
N GLY B 14 -4.27 -3.35 -12.49
CA GLY B 14 -3.10 -3.59 -13.33
C GLY B 14 -2.03 -2.51 -13.11
N GLU B 15 -0.91 -2.69 -13.78
CA GLU B 15 0.18 -1.74 -13.67
C GLU B 15 0.17 -0.76 -14.84
N ARG B 16 0.56 0.48 -14.56
CA ARG B 16 0.60 1.50 -15.58
C ARG B 16 1.56 2.63 -15.17
N ARG B 17 2.83 2.38 -15.43
CA ARG B 17 3.86 3.37 -15.10
C ARG B 17 3.82 3.69 -13.60
N ARG B 18 4.77 3.12 -12.88
CA ARG B 18 4.85 3.34 -11.44
C ARG B 18 5.78 4.53 -11.14
N SER B 19 5.71 5.52 -12.01
CA SER B 19 6.53 6.71 -11.86
C SER B 19 7.98 6.32 -11.59
N GLN B 20 8.44 5.33 -12.34
CA GLN B 20 9.80 4.85 -12.19
C GLN B 20 10.07 4.45 -10.74
N LEU B 21 9.09 3.80 -10.15
CA LEU B 21 9.21 3.36 -8.76
C LEU B 21 10.59 2.74 -8.55
N ASP B 22 11.34 3.35 -7.65
CA ASP B 22 12.68 2.86 -7.34
C ASP B 22 12.58 1.67 -6.39
N ARG B 23 13.55 0.77 -6.52
CA ARG B 23 13.58 -0.41 -5.69
C ARG B 23 13.88 -0.04 -4.24
N ASP B 24 14.12 1.25 -4.03
CA ASP B 24 14.42 1.75 -2.70
C ASP B 24 13.61 3.02 -2.45
N GLN B 25 12.51 3.14 -3.17
CA GLN B 25 11.64 4.30 -3.03
C GLN B 25 10.25 3.86 -2.57
N CYS B 26 9.82 4.42 -1.45
CA CYS B 26 8.52 4.11 -0.90
C CYS B 26 7.49 4.17 -2.03
N ALA B 27 6.41 3.42 -1.84
CA ALA B 27 5.35 3.39 -2.83
C ALA B 27 4.10 4.06 -2.25
N TYR B 28 4.11 4.22 -0.94
CA TYR B 28 2.99 4.85 -0.26
C TYR B 28 3.08 6.37 -0.33
N CYS B 29 4.14 6.89 0.29
CA CYS B 29 4.36 8.33 0.31
C CYS B 29 5.24 8.69 -0.89
N LYS B 30 6.12 7.77 -1.25
CA LYS B 30 7.02 7.97 -2.37
C LYS B 30 8.35 8.53 -1.85
N GLU B 31 8.61 8.25 -0.58
CA GLU B 31 9.84 8.72 0.05
C GLU B 31 10.98 7.74 -0.22
N LYS B 32 12.07 8.27 -0.74
CA LYS B 32 13.24 7.45 -1.03
C LYS B 32 14.03 7.22 0.25
N GLY B 33 14.21 5.94 0.57
CA GLY B 33 14.96 5.57 1.77
C GLY B 33 14.29 4.38 2.47
N HIS B 34 13.01 4.55 2.76
CA HIS B 34 12.26 3.51 3.43
C HIS B 34 11.29 2.86 2.44
N TRP B 35 10.84 1.67 2.80
CA TRP B 35 9.91 0.92 1.95
C TRP B 35 8.49 1.19 2.47
N ALA B 36 7.53 0.86 1.62
CA ALA B 36 6.13 1.05 1.97
C ALA B 36 5.83 0.27 3.26
N LYS B 37 6.39 -0.91 3.34
CA LYS B 37 6.19 -1.76 4.51
C LYS B 37 6.76 -1.06 5.75
N ASP B 38 7.53 -0.02 5.50
CA ASP B 38 8.14 0.74 6.58
C ASP B 38 7.82 2.23 6.40
N CYS B 39 6.67 2.47 5.78
CA CYS B 39 6.23 3.83 5.54
C CYS B 39 5.80 4.45 6.88
N PRO B 40 6.46 5.58 7.23
CA PRO B 40 6.15 6.27 8.48
C PRO B 40 4.83 7.03 8.37
N LYS B 41 4.22 6.93 7.20
CA LYS B 41 2.96 7.60 6.96
C LYS B 41 1.80 6.64 7.25
N LYS B 42 2.14 5.35 7.25
CA LYS B 42 1.15 4.33 7.52
C LYS B 42 0.36 4.70 8.77
N PRO B 43 -0.93 4.25 8.80
CA PRO B 43 -1.80 4.53 9.92
C PRO B 43 -1.44 3.65 11.12
N ARG B 44 -0.20 3.79 11.57
CA ARG B 44 0.27 3.01 12.71
C ARG B 44 -0.27 1.58 12.64
N GLY B 45 0.47 0.74 11.94
CA GLY B 45 0.08 -0.65 11.78
C GLY B 45 -0.85 -0.83 10.58
N PRO B 46 -1.31 -2.10 10.38
CA PRO B 46 -0.90 -3.17 11.27
C PRO B 46 0.54 -3.61 11.00
N ARG B 47 0.85 -3.72 9.72
CA ARG B 47 2.19 -4.11 9.30
C ARG B 47 2.49 -5.53 9.80
N GLY B 48 2.41 -6.48 8.89
CA GLY B 48 2.68 -7.87 9.24
C GLY B 48 3.07 -8.67 7.99
N PRO B 49 3.54 -9.92 8.24
CA PRO B 49 3.95 -10.80 7.15
C PRO B 49 2.72 -11.37 6.43
N ARG B 50 2.23 -10.60 5.48
CA ARG B 50 1.07 -11.01 4.70
C ARG B 50 1.42 -12.22 3.83
N PRO B 51 0.80 -13.37 4.17
CA PRO B 51 1.04 -14.60 3.42
C PRO B 51 0.31 -14.57 2.08
N GLN B 52 1.11 -14.54 1.01
CA GLN B 52 0.57 -14.52 -0.32
C GLN B 52 0.96 -15.79 -1.09
N THR B 53 -0.01 -16.31 -1.83
CA THR B 53 0.22 -17.53 -2.60
C THR B 53 0.91 -17.18 -3.92
N SER B 54 1.74 -18.12 -4.38
CA SER B 54 2.47 -17.94 -5.62
C SER B 54 1.56 -17.28 -6.66
N LEU B 55 0.39 -17.87 -6.85
CA LEU B 55 -0.57 -17.35 -7.80
C LEU B 55 0.04 -17.43 -9.21
N LEU B 56 -0.51 -18.33 -10.01
CA LEU B 56 -0.04 -18.50 -11.38
C LEU B 56 -1.05 -17.89 -12.35
N ALA B 1 23.60 -38.55 1.49
CA ALA B 1 22.44 -38.42 0.62
C ALA B 1 21.91 -36.99 0.72
N THR B 2 21.50 -36.46 -0.43
CA THR B 2 20.97 -35.11 -0.49
C THR B 2 19.78 -35.05 -1.44
N VAL B 3 18.63 -34.69 -0.89
CA VAL B 3 17.42 -34.59 -1.69
C VAL B 3 16.73 -33.25 -1.40
N VAL B 4 16.00 -32.77 -2.39
CA VAL B 4 15.29 -31.51 -2.26
C VAL B 4 13.91 -31.63 -2.91
N SER B 5 13.00 -30.79 -2.44
CA SER B 5 11.64 -30.78 -2.96
C SER B 5 11.41 -29.55 -3.83
N GLY B 6 10.71 -29.76 -4.94
CA GLY B 6 10.42 -28.69 -5.86
C GLY B 6 8.91 -28.54 -6.08
N GLN B 7 8.53 -27.41 -6.63
CA GLN B 7 7.12 -27.13 -6.90
C GLN B 7 6.94 -26.72 -8.36
N LYS B 8 7.60 -25.65 -8.73
CA LYS B 8 7.52 -25.13 -10.09
C LYS B 8 6.07 -24.71 -10.38
N GLN B 9 5.64 -23.68 -9.69
CA GLN B 9 4.30 -23.17 -9.86
C GLN B 9 4.11 -21.87 -9.07
N ASP B 10 4.46 -20.77 -9.71
CA ASP B 10 4.33 -19.46 -9.09
C ASP B 10 4.57 -18.37 -10.14
N ARG B 11 3.48 -17.88 -10.69
CA ARG B 11 3.55 -16.84 -11.70
C ARG B 11 2.14 -16.37 -12.08
N GLN B 12 1.80 -15.19 -11.58
CA GLN B 12 0.49 -14.62 -11.85
C GLN B 12 0.57 -13.09 -11.84
N GLY B 13 1.13 -12.55 -12.92
CA GLY B 13 1.28 -11.11 -13.05
C GLY B 13 1.78 -10.74 -14.45
N GLY B 14 2.26 -9.51 -14.56
CA GLY B 14 2.77 -9.02 -15.83
C GLY B 14 3.79 -7.89 -15.61
N GLU B 15 3.86 -7.01 -16.59
CA GLU B 15 4.78 -5.89 -16.52
C GLU B 15 4.02 -4.58 -16.38
N ARG B 16 3.92 -4.12 -15.14
CA ARG B 16 3.21 -2.87 -14.86
C ARG B 16 4.22 -1.73 -14.64
N ARG B 17 3.66 -0.53 -14.51
CA ARG B 17 4.49 0.64 -14.30
C ARG B 17 4.04 1.39 -13.04
N ARG B 18 4.97 1.56 -12.11
CA ARG B 18 4.68 2.25 -10.88
C ARG B 18 5.40 3.60 -10.85
N SER B 19 5.22 4.35 -11.92
CA SER B 19 5.84 5.67 -12.03
C SER B 19 7.36 5.52 -12.08
N GLN B 20 7.93 5.22 -10.92
CA GLN B 20 9.37 5.05 -10.82
C GLN B 20 9.74 4.40 -9.49
N LEU B 21 8.83 3.58 -8.99
CA LEU B 21 9.05 2.89 -7.74
C LEU B 21 10.47 2.33 -7.70
N ASP B 22 11.36 3.08 -7.09
CA ASP B 22 12.75 2.68 -6.98
C ASP B 22 12.87 1.55 -5.95
N ARG B 23 13.93 0.77 -6.08
CA ARG B 23 14.18 -0.33 -5.17
C ARG B 23 14.51 0.19 -3.77
N ASP B 24 14.59 1.50 -3.68
CA ASP B 24 14.91 2.15 -2.41
C ASP B 24 13.93 3.32 -2.18
N GLN B 25 12.75 3.17 -2.76
CA GLN B 25 11.73 4.20 -2.62
C GLN B 25 10.52 3.64 -1.87
N CYS B 26 9.52 4.49 -1.72
CA CYS B 26 8.30 4.10 -1.01
C CYS B 26 7.16 4.05 -2.03
N ALA B 27 6.22 3.14 -1.78
CA ALA B 27 5.08 2.97 -2.65
C ALA B 27 3.83 3.53 -1.97
N TYR B 28 4.07 4.38 -0.98
CA TYR B 28 2.98 5.00 -0.24
C TYR B 28 3.08 6.52 -0.28
N CYS B 29 4.15 7.03 0.31
CA CYS B 29 4.37 8.46 0.36
C CYS B 29 5.12 8.87 -0.91
N LYS B 30 6.02 7.99 -1.33
CA LYS B 30 6.81 8.25 -2.53
C LYS B 30 8.17 8.84 -2.13
N GLU B 31 8.64 8.42 -0.96
CA GLU B 31 9.91 8.90 -0.45
C GLU B 31 11.03 7.94 -0.85
N LYS B 32 12.25 8.33 -0.52
CA LYS B 32 13.41 7.52 -0.82
C LYS B 32 14.20 7.25 0.46
N GLY B 33 14.34 5.98 0.77
CA GLY B 33 15.07 5.58 1.97
C GLY B 33 14.40 4.38 2.65
N HIS B 34 13.09 4.48 2.79
CA HIS B 34 12.32 3.42 3.41
C HIS B 34 11.41 2.76 2.38
N TRP B 35 10.75 1.69 2.80
CA TRP B 35 9.85 0.97 1.92
C TRP B 35 8.42 1.20 2.42
N ALA B 36 7.47 0.84 1.57
CA ALA B 36 6.07 1.00 1.90
C ALA B 36 5.76 0.23 3.19
N LYS B 37 6.35 -0.96 3.27
CA LYS B 37 6.15 -1.80 4.44
C LYS B 37 6.82 -1.15 5.66
N ASP B 38 7.56 -0.09 5.38
CA ASP B 38 8.25 0.63 6.45
C ASP B 38 7.94 2.12 6.33
N CYS B 39 6.81 2.42 5.72
CA CYS B 39 6.39 3.79 5.54
C CYS B 39 6.00 4.36 6.90
N PRO B 40 6.63 5.52 7.25
CA PRO B 40 6.35 6.17 8.52
C PRO B 40 5.00 6.88 8.48
N LYS B 41 4.34 6.77 7.34
CA LYS B 41 3.04 7.40 7.18
C LYS B 41 1.96 6.48 7.75
N LYS B 42 2.31 5.21 7.89
CA LYS B 42 1.38 4.23 8.43
C LYS B 42 0.90 4.70 9.82
N PRO B 43 -0.40 5.10 9.85
CA PRO B 43 -0.99 5.56 11.10
C PRO B 43 -1.29 4.39 12.04
N ARG B 44 -0.62 4.42 13.19
CA ARG B 44 -0.79 3.36 14.18
C ARG B 44 -2.29 3.15 14.46
N GLY B 45 -2.73 1.92 14.20
CA GLY B 45 -4.12 1.57 14.43
C GLY B 45 -4.53 1.85 15.88
N PRO B 46 -5.84 1.62 16.16
CA PRO B 46 -6.76 1.15 15.14
C PRO B 46 -7.13 2.29 14.18
N ARG B 47 -7.80 1.90 13.10
CA ARG B 47 -8.22 2.87 12.10
C ARG B 47 -7.00 3.53 11.45
N GLY B 48 -7.23 4.12 10.29
CA GLY B 48 -6.16 4.78 9.56
C GLY B 48 -6.64 6.12 8.98
N PRO B 49 -6.66 6.18 7.62
CA PRO B 49 -7.10 7.38 6.93
C PRO B 49 -8.62 7.53 7.00
N ARG B 50 -9.05 8.78 6.98
CA ARG B 50 -10.47 9.08 7.04
C ARG B 50 -11.06 8.61 8.38
N PRO B 51 -12.02 9.42 8.90
CA PRO B 51 -12.66 9.11 10.16
C PRO B 51 -13.67 7.97 9.99
N GLN B 52 -14.58 8.16 9.06
CA GLN B 52 -15.60 7.16 8.78
C GLN B 52 -16.36 6.82 10.06
N THR B 53 -17.30 7.69 10.40
CA THR B 53 -18.10 7.48 11.60
C THR B 53 -19.55 7.19 11.22
N SER B 54 -20.08 8.01 10.32
CA SER B 54 -21.45 7.85 9.87
C SER B 54 -21.52 7.96 8.35
N LEU B 55 -21.06 9.10 7.85
CA LEU B 55 -21.06 9.34 6.42
C LEU B 55 -20.55 8.10 5.69
N LEU B 56 -21.21 7.78 4.58
CA LEU B 56 -20.83 6.63 3.79
C LEU B 56 -19.57 6.94 3.00
N ALA B 1 -19.21 5.97 23.19
CA ALA B 1 -19.22 6.36 21.79
C ALA B 1 -19.86 5.24 20.95
N THR B 2 -20.95 5.61 20.30
CA THR B 2 -21.67 4.66 19.47
C THR B 2 -20.84 4.28 18.24
N VAL B 3 -20.92 3.02 17.87
CA VAL B 3 -20.18 2.52 16.72
C VAL B 3 -20.90 2.95 15.44
N VAL B 4 -20.17 3.68 14.61
CA VAL B 4 -20.71 4.16 13.35
C VAL B 4 -19.99 3.48 12.20
N SER B 5 -18.70 3.24 12.39
CA SER B 5 -17.89 2.61 11.37
C SER B 5 -18.51 1.25 11.00
N GLY B 6 -18.76 1.09 9.71
CA GLY B 6 -19.33 -0.16 9.21
C GLY B 6 -18.87 -0.44 7.78
N GLN B 7 -19.79 -0.99 6.99
CA GLN B 7 -19.49 -1.32 5.62
C GLN B 7 -20.70 -1.04 4.72
N LYS B 8 -20.52 -0.08 3.83
CA LYS B 8 -21.59 0.29 2.91
C LYS B 8 -21.06 0.30 1.47
N GLN B 9 -20.26 1.32 1.18
CA GLN B 9 -19.68 1.45 -0.13
C GLN B 9 -18.31 2.13 -0.05
N ASP B 10 -17.30 1.42 -0.54
CA ASP B 10 -15.95 1.94 -0.52
C ASP B 10 -15.23 1.53 -1.81
N ARG B 11 -14.97 2.53 -2.64
CA ARG B 11 -14.29 2.29 -3.91
C ARG B 11 -13.00 3.11 -3.98
N GLN B 12 -11.99 2.51 -4.60
CA GLN B 12 -10.70 3.18 -4.75
C GLN B 12 -9.72 2.26 -5.48
N GLY B 13 -8.61 2.85 -5.89
CA GLY B 13 -7.58 2.11 -6.60
C GLY B 13 -7.38 2.66 -8.01
N GLY B 14 -6.47 3.62 -8.11
CA GLY B 14 -6.16 4.24 -9.39
C GLY B 14 -5.32 3.31 -10.26
N GLU B 15 -5.18 3.70 -11.51
CA GLU B 15 -4.40 2.91 -12.46
C GLU B 15 -3.54 3.82 -13.33
N ARG B 16 -2.24 3.80 -13.06
CA ARG B 16 -1.31 4.62 -13.81
C ARG B 16 0.13 4.32 -13.37
N ARG B 17 1.05 4.53 -14.30
CA ARG B 17 2.45 4.29 -14.02
C ARG B 17 2.82 4.81 -12.63
N ARG B 18 3.81 4.17 -12.03
CA ARG B 18 4.26 4.55 -10.70
C ARG B 18 5.43 5.53 -10.80
N SER B 19 5.22 6.58 -11.60
CA SER B 19 6.25 7.59 -11.79
C SER B 19 7.61 6.93 -11.99
N GLN B 20 8.34 6.83 -10.89
CA GLN B 20 9.66 6.22 -10.92
C GLN B 20 9.90 5.40 -9.66
N LEU B 21 8.97 4.50 -9.38
CA LEU B 21 9.07 3.65 -8.20
C LEU B 21 10.45 3.00 -8.16
N ASP B 22 11.31 3.54 -7.33
CA ASP B 22 12.66 3.02 -7.19
C ASP B 22 12.65 1.82 -6.24
N ARG B 23 13.55 0.88 -6.50
CA ARG B 23 13.65 -0.31 -5.68
C ARG B 23 14.08 0.06 -4.25
N ASP B 24 14.45 1.32 -4.09
CA ASP B 24 14.89 1.80 -2.80
C ASP B 24 14.05 3.02 -2.40
N GLN B 25 12.81 3.02 -2.87
CA GLN B 25 11.90 4.11 -2.59
C GLN B 25 10.64 3.58 -1.91
N CYS B 26 9.77 4.50 -1.52
CA CYS B 26 8.52 4.13 -0.86
C CYS B 26 7.39 4.20 -1.90
N ALA B 27 6.58 3.16 -1.90
CA ALA B 27 5.46 3.10 -2.83
C ALA B 27 4.17 3.50 -2.10
N TYR B 28 4.34 4.37 -1.12
CA TYR B 28 3.20 4.85 -0.36
C TYR B 28 3.18 6.38 -0.31
N CYS B 29 4.20 6.94 0.32
CA CYS B 29 4.30 8.39 0.43
C CYS B 29 5.09 8.92 -0.77
N LYS B 30 5.85 8.01 -1.37
CA LYS B 30 6.66 8.36 -2.53
C LYS B 30 8.02 8.86 -2.05
N GLU B 31 8.39 8.46 -0.84
CA GLU B 31 9.65 8.85 -0.26
C GLU B 31 10.79 8.03 -0.87
N LYS B 32 11.99 8.25 -0.33
CA LYS B 32 13.16 7.53 -0.81
C LYS B 32 14.04 7.15 0.39
N GLY B 33 14.27 5.85 0.51
CA GLY B 33 15.08 5.34 1.60
C GLY B 33 14.37 4.20 2.33
N HIS B 34 13.09 4.44 2.64
CA HIS B 34 12.30 3.45 3.33
C HIS B 34 11.28 2.84 2.36
N TRP B 35 10.79 1.66 2.72
CA TRP B 35 9.82 0.96 1.90
C TRP B 35 8.43 1.26 2.46
N ALA B 36 7.43 1.02 1.63
CA ALA B 36 6.05 1.26 2.03
C ALA B 36 5.72 0.40 3.25
N LYS B 37 6.29 -0.81 3.25
CA LYS B 37 6.07 -1.73 4.35
C LYS B 37 6.68 -1.15 5.63
N ASP B 38 7.45 -0.10 5.45
CA ASP B 38 8.10 0.55 6.58
C ASP B 38 7.90 2.07 6.48
N CYS B 39 6.78 2.44 5.88
CA CYS B 39 6.45 3.85 5.71
C CYS B 39 6.12 4.44 7.08
N PRO B 40 6.74 5.61 7.37
CA PRO B 40 6.53 6.28 8.64
C PRO B 40 5.15 6.96 8.67
N LYS B 41 4.42 6.79 7.58
CA LYS B 41 3.09 7.38 7.48
C LYS B 41 2.06 6.40 8.03
N LYS B 42 2.45 5.13 8.05
CA LYS B 42 1.56 4.09 8.55
C LYS B 42 0.92 4.56 9.86
N PRO B 43 -0.37 4.95 9.76
CA PRO B 43 -1.12 5.41 10.92
C PRO B 43 -1.50 4.25 11.83
N ARG B 44 -1.84 3.14 11.19
CA ARG B 44 -2.24 1.95 11.92
C ARG B 44 -2.60 0.82 10.94
N GLY B 45 -1.80 -0.23 10.98
CA GLY B 45 -2.03 -1.38 10.12
C GLY B 45 -0.72 -1.84 9.47
N PRO B 46 -0.82 -2.96 8.71
CA PRO B 46 -2.10 -3.64 8.55
C PRO B 46 -2.48 -4.42 9.80
N ARG B 47 -3.72 -4.25 10.22
CA ARG B 47 -4.22 -4.93 11.41
C ARG B 47 -5.74 -5.09 11.33
N GLY B 48 -6.25 -5.97 12.17
CA GLY B 48 -7.68 -6.22 12.21
C GLY B 48 -7.99 -7.71 12.03
N PRO B 49 -9.08 -8.15 12.72
CA PRO B 49 -9.48 -9.55 12.64
C PRO B 49 -10.15 -9.86 11.30
N ARG B 50 -9.59 -10.85 10.61
CA ARG B 50 -10.13 -11.25 9.32
C ARG B 50 -9.90 -12.74 9.10
N PRO B 51 -11.02 -13.46 8.83
CA PRO B 51 -10.96 -14.89 8.60
C PRO B 51 -10.40 -15.20 7.22
N GLN B 52 -9.10 -15.48 7.18
CA GLN B 52 -8.44 -15.79 5.92
C GLN B 52 -8.41 -14.55 5.02
N THR B 53 -7.19 -14.10 4.74
CA THR B 53 -7.02 -12.93 3.90
C THR B 53 -6.81 -13.35 2.45
N SER B 54 -7.92 -13.46 1.73
CA SER B 54 -7.87 -13.85 0.33
C SER B 54 -7.38 -12.69 -0.53
N LEU B 55 -8.11 -11.58 -0.45
CA LEU B 55 -7.76 -10.40 -1.21
C LEU B 55 -7.94 -10.69 -2.71
N LEU B 56 -7.92 -9.61 -3.49
CA LEU B 56 -8.08 -9.74 -4.92
C LEU B 56 -7.68 -8.42 -5.59
#